data_7N2W
#
_entry.id   7N2W
#
_cell.length_a   60.407
_cell.length_b   83.336
_cell.length_c   87.305
_cell.angle_alpha   90.00
_cell.angle_beta   100.26
_cell.angle_gamma   90.00
#
_symmetry.space_group_name_H-M   'P 1 21 1'
#
loop_
_entity.id
_entity.type
_entity.pdbx_description
1 polymer 'FMN dependent NADH:quinone oxidoreductase'
2 non-polymer 'FLAVIN MONONUCLEOTIDE'
3 non-polymer '6-hydroxy-5-[(E)-(2-methoxy-5-methyl-4-sulfophenyl)diazenyl]naphthalene-2-sulfonic acid'
4 water water
#
_entity_poly.entity_id   1
_entity_poly.type   'polypeptide(L)'
_entity_poly.pdbx_seq_one_letter_code
;MHHHHHHSSGVDLGTENLYFQSMANVLVLKSSINGETSLTNQLINEFLAARQAAGHGDRLIEHDLSAMALPTLDRPLFAA
LRGAVDPQPAIREAVALSDQLIAELKASDLLVIGAPMYNLNVPTDLKKWFDLVARARETFRYTESWPQGLVEGVRAVVVS
SRGGIHQGETTDAVTPYLRAVLGLMGIQEVEFIYAEGLDNRPHGRDAGIASARAQIARLAVPA
;
_entity_poly.pdbx_strand_id   A,B,C,D
#
# COMPACT_ATOMS: atom_id res chain seq x y z
N MET A 23 -18.55 7.13 -6.46
CA MET A 23 -18.59 5.81 -7.08
C MET A 23 -18.39 4.69 -6.04
N ALA A 24 -17.64 3.66 -6.43
CA ALA A 24 -17.55 2.44 -5.65
C ALA A 24 -16.90 2.68 -4.29
N ASN A 25 -17.57 2.23 -3.23
CA ASN A 25 -17.02 2.23 -1.88
C ASN A 25 -16.39 0.88 -1.61
N VAL A 26 -15.09 0.85 -1.39
CA VAL A 26 -14.33 -0.39 -1.26
C VAL A 26 -13.83 -0.52 0.17
N LEU A 27 -13.98 -1.72 0.74
CA LEU A 27 -13.46 -2.06 2.06
C LEU A 27 -12.37 -3.11 1.86
N VAL A 28 -11.11 -2.69 1.99
CA VAL A 28 -9.96 -3.55 1.79
C VAL A 28 -9.52 -4.10 3.14
N LEU A 29 -9.39 -5.42 3.24
CA LEU A 29 -8.92 -6.09 4.45
C LEU A 29 -7.61 -6.80 4.14
N LYS A 30 -6.54 -6.39 4.80
CA LYS A 30 -5.23 -7.00 4.66
C LYS A 30 -4.94 -7.81 5.92
N SER A 31 -4.46 -9.04 5.74
CA SER A 31 -4.26 -9.95 6.86
C SER A 31 -2.90 -10.61 6.92
N SER A 32 -2.09 -10.54 5.86
CA SER A 32 -0.78 -11.17 5.88
C SER A 32 0.08 -10.59 6.99
N ILE A 33 1.03 -11.40 7.47
CA ILE A 33 1.92 -10.99 8.55
C ILE A 33 3.31 -10.60 8.04
N ASN A 34 3.62 -10.83 6.77
CA ASN A 34 4.94 -10.55 6.25
C ASN A 34 5.25 -9.06 6.13
N GLY A 35 4.28 -8.19 6.37
CA GLY A 35 4.55 -6.75 6.32
C GLY A 35 4.66 -6.27 4.89
N GLU A 36 5.70 -5.48 4.62
CA GLU A 36 5.86 -4.84 3.32
C GLU A 36 6.22 -5.82 2.21
N THR A 37 6.67 -7.01 2.56
CA THR A 37 6.99 -8.04 1.56
C THR A 37 5.78 -8.91 1.21
N SER A 38 4.61 -8.58 1.76
CA SER A 38 3.42 -9.41 1.56
C SER A 38 3.00 -9.41 0.09
N LEU A 39 2.81 -10.60 -0.47
CA LEU A 39 2.37 -10.70 -1.86
C LEU A 39 0.89 -10.39 -2.00
N THR A 40 0.05 -10.88 -1.08
CA THR A 40 -1.37 -10.57 -1.14
C THR A 40 -1.60 -9.07 -1.07
N ASN A 41 -0.87 -8.38 -0.19
CA ASN A 41 -1.00 -6.92 -0.11
C ASN A 41 -0.53 -6.25 -1.40
N GLN A 42 0.50 -6.81 -2.02
CA GLN A 42 0.95 -6.28 -3.31
C GLN A 42 -0.13 -6.46 -4.37
N LEU A 43 -0.73 -7.65 -4.43
CA LEU A 43 -1.74 -7.92 -5.45
C LEU A 43 -3.08 -7.25 -5.13
N ILE A 44 -3.38 -7.01 -3.85
CA ILE A 44 -4.50 -6.15 -3.51
C ILE A 44 -4.30 -4.77 -4.11
N ASN A 45 -3.07 -4.26 -4.03
CA ASN A 45 -2.76 -2.98 -4.68
C ASN A 45 -2.83 -3.11 -6.19
N GLU A 46 -2.18 -4.13 -6.75
CA GLU A 46 -2.22 -4.35 -8.20
C GLU A 46 -3.65 -4.47 -8.71
N PHE A 47 -4.55 -5.01 -7.89
CA PHE A 47 -5.95 -5.13 -8.31
C PHE A 47 -6.64 -3.78 -8.28
N LEU A 48 -6.34 -2.95 -7.28
CA LEU A 48 -7.02 -1.67 -7.15
C LEU A 48 -6.51 -0.65 -8.16
N ALA A 49 -5.25 -0.77 -8.58
CA ALA A 49 -4.74 0.12 -9.62
C ALA A 49 -5.31 -0.24 -10.99
N ALA A 50 -5.45 -1.54 -11.27
CA ALA A 50 -6.03 -1.98 -12.53
C ALA A 50 -7.49 -1.56 -12.65
N ARG A 51 -8.18 -1.39 -11.52
CA ARG A 51 -9.56 -0.92 -11.57
C ARG A 51 -9.62 0.56 -11.94
N GLN A 52 -8.74 1.37 -11.35
CA GLN A 52 -8.64 2.77 -11.76
C GLN A 52 -8.19 2.88 -13.21
N ALA A 53 -7.47 1.87 -13.71
CA ALA A 53 -7.12 1.85 -15.13
C ALA A 53 -8.35 1.59 -16.00
N ALA A 54 -9.29 0.79 -15.51
CA ALA A 54 -10.53 0.53 -16.22
C ALA A 54 -11.60 1.60 -15.96
N GLY A 55 -11.24 2.67 -15.27
CA GLY A 55 -12.16 3.77 -15.05
C GLY A 55 -12.98 3.68 -13.79
N HIS A 56 -12.44 3.10 -12.72
CA HIS A 56 -13.15 2.96 -11.45
C HIS A 56 -12.47 3.82 -10.39
N GLY A 57 -13.20 4.80 -9.87
CA GLY A 57 -12.68 5.65 -8.81
C GLY A 57 -13.19 5.23 -7.46
N ASP A 58 -12.35 4.53 -6.69
CA ASP A 58 -12.77 3.95 -5.43
C ASP A 58 -12.45 4.86 -4.25
N ARG A 59 -13.34 4.85 -3.27
CA ARG A 59 -13.03 5.31 -1.92
C ARG A 59 -12.69 4.08 -1.08
N LEU A 60 -11.64 4.19 -0.27
CA LEU A 60 -11.08 3.04 0.42
C LEU A 60 -11.15 3.23 1.93
N ILE A 61 -11.66 2.22 2.62
CA ILE A 61 -11.40 2.02 4.04
C ILE A 61 -10.41 0.87 4.14
N GLU A 62 -9.24 1.14 4.69
CA GLU A 62 -8.12 0.21 4.67
C GLU A 62 -7.86 -0.33 6.07
N HIS A 63 -7.64 -1.64 6.16
CA HIS A 63 -7.42 -2.30 7.44
C HIS A 63 -6.33 -3.36 7.27
N ASP A 64 -5.17 -3.13 7.88
CA ASP A 64 -4.16 -4.18 8.04
C ASP A 64 -4.41 -4.83 9.39
N LEU A 65 -5.16 -5.93 9.37
CA LEU A 65 -5.57 -6.59 10.61
C LEU A 65 -4.37 -7.08 11.42
N SER A 66 -3.19 -7.16 10.81
CA SER A 66 -1.99 -7.56 11.54
C SER A 66 -1.67 -6.58 12.67
N ALA A 67 -2.03 -5.31 12.51
CA ALA A 67 -1.61 -4.26 13.42
C ALA A 67 -2.70 -3.77 14.36
N MET A 68 -3.96 -4.11 14.13
CA MET A 68 -5.04 -3.62 14.96
C MET A 68 -5.28 -4.45 16.21
N ALA A 69 -4.62 -5.61 16.32
CA ALA A 69 -4.68 -6.45 17.52
C ALA A 69 -6.12 -6.75 17.91
N LEU A 70 -6.84 -7.39 16.99
CA LEU A 70 -8.24 -7.69 17.21
C LEU A 70 -8.38 -8.73 18.32
N PRO A 71 -9.29 -8.53 19.26
CA PRO A 71 -9.45 -9.50 20.35
C PRO A 71 -9.93 -10.84 19.83
N THR A 72 -9.73 -11.88 20.65
CA THR A 72 -10.20 -13.22 20.35
C THR A 72 -11.61 -13.41 20.88
N LEU A 73 -12.40 -14.19 20.14
CA LEU A 73 -13.75 -14.52 20.57
C LEU A 73 -13.71 -15.46 21.77
N ASP A 74 -14.26 -15.01 22.90
CA ASP A 74 -14.34 -15.81 24.12
C ASP A 74 -15.75 -15.74 24.67
N ARG A 75 -15.97 -16.40 25.82
CA ARG A 75 -17.32 -16.52 26.38
C ARG A 75 -17.97 -15.17 26.67
N PRO A 76 -17.35 -14.26 27.45
CA PRO A 76 -18.05 -13.01 27.76
C PRO A 76 -18.24 -12.10 26.57
N LEU A 77 -17.30 -12.09 25.61
CA LEU A 77 -17.44 -11.21 24.46
C LEU A 77 -18.57 -11.66 23.55
N PHE A 78 -18.63 -12.96 23.26
CA PHE A 78 -19.73 -13.48 22.48
C PHE A 78 -21.07 -13.16 23.14
N ALA A 79 -21.16 -13.33 24.46
CA ALA A 79 -22.37 -12.96 25.17
C ALA A 79 -22.72 -11.50 24.95
N ALA A 80 -21.73 -10.61 25.07
CA ALA A 80 -21.99 -9.19 24.85
C ALA A 80 -22.32 -8.91 23.39
N LEU A 81 -21.59 -9.52 22.45
CA LEU A 81 -21.89 -9.32 21.03
C LEU A 81 -23.29 -9.78 20.67
N ARG A 82 -23.82 -10.77 21.40
CA ARG A 82 -25.18 -11.26 21.18
C ARG A 82 -26.25 -10.30 21.67
N GLY A 83 -25.87 -9.21 22.32
CA GLY A 83 -26.81 -8.24 22.83
C GLY A 83 -26.97 -8.24 24.33
N ALA A 84 -26.30 -9.13 25.05
CA ALA A 84 -26.46 -9.19 26.50
C ALA A 84 -25.80 -7.98 27.16
N VAL A 85 -26.38 -7.57 28.29
CA VAL A 85 -25.85 -6.45 29.05
C VAL A 85 -24.54 -6.89 29.68
N ASP A 86 -23.42 -6.38 29.15
CA ASP A 86 -22.08 -6.69 29.66
C ASP A 86 -21.37 -5.38 29.94
N PRO A 87 -21.43 -4.90 31.19
CA PRO A 87 -20.81 -3.59 31.51
C PRO A 87 -19.29 -3.62 31.57
N GLN A 88 -18.66 -4.77 31.29
CA GLN A 88 -17.21 -4.87 31.37
C GLN A 88 -16.55 -3.87 30.43
N PRO A 89 -15.62 -3.04 30.91
CA PRO A 89 -15.04 -1.99 30.06
C PRO A 89 -14.38 -2.49 28.79
N ALA A 90 -13.34 -3.33 28.93
CA ALA A 90 -12.64 -3.83 27.76
C ALA A 90 -13.58 -4.58 26.81
N ILE A 91 -14.61 -5.22 27.36
CA ILE A 91 -15.59 -5.91 26.54
C ILE A 91 -16.40 -4.91 25.73
N ARG A 92 -16.81 -3.80 26.37
CA ARG A 92 -17.61 -2.79 25.70
C ARG A 92 -16.86 -2.16 24.53
N GLU A 93 -15.53 -2.05 24.64
CA GLU A 93 -14.75 -1.50 23.54
C GLU A 93 -14.76 -2.44 22.34
N ALA A 94 -14.61 -3.74 22.56
CA ALA A 94 -14.68 -4.69 21.46
C ALA A 94 -16.09 -4.79 20.89
N VAL A 95 -17.11 -4.54 21.71
CA VAL A 95 -18.47 -4.41 21.19
C VAL A 95 -18.53 -3.25 20.21
N ALA A 96 -17.88 -2.13 20.54
CA ALA A 96 -17.82 -1.01 19.62
C ALA A 96 -16.97 -1.35 18.40
N LEU A 97 -15.89 -2.11 18.59
CA LEU A 97 -15.08 -2.54 17.45
C LEU A 97 -15.89 -3.39 16.48
N SER A 98 -16.86 -4.15 16.99
CA SER A 98 -17.74 -4.91 16.11
C SER A 98 -18.74 -4.01 15.41
N ASP A 99 -19.31 -3.05 16.14
CA ASP A 99 -20.21 -2.08 15.53
C ASP A 99 -19.54 -1.36 14.37
N GLN A 100 -18.36 -0.77 14.64
CA GLN A 100 -17.67 0.00 13.61
C GLN A 100 -17.24 -0.88 12.45
N LEU A 101 -16.74 -2.10 12.75
CA LEU A 101 -16.31 -2.97 11.66
C LEU A 101 -17.47 -3.44 10.80
N ILE A 102 -18.68 -3.50 11.36
CA ILE A 102 -19.84 -3.91 10.58
C ILE A 102 -20.40 -2.74 9.79
N ALA A 103 -20.41 -1.54 10.39
CA ALA A 103 -20.92 -0.37 9.70
C ALA A 103 -20.13 -0.08 8.43
N GLU A 104 -18.81 -0.33 8.45
CA GLU A 104 -18.02 -0.19 7.24
C GLU A 104 -18.46 -1.20 6.18
N LEU A 105 -18.65 -2.46 6.60
CA LEU A 105 -19.02 -3.50 5.64
C LEU A 105 -20.39 -3.24 5.04
N LYS A 106 -21.36 -2.83 5.87
CA LYS A 106 -22.72 -2.62 5.37
C LYS A 106 -22.80 -1.43 4.42
N ALA A 107 -21.92 -0.44 4.57
CA ALA A 107 -21.91 0.73 3.71
C ALA A 107 -20.99 0.57 2.51
N SER A 108 -20.48 -0.63 2.27
CA SER A 108 -19.52 -0.85 1.21
C SER A 108 -20.20 -1.34 -0.08
N ASP A 109 -19.45 -1.29 -1.18
CA ASP A 109 -19.84 -1.92 -2.43
C ASP A 109 -18.99 -3.12 -2.78
N LEU A 110 -17.70 -3.12 -2.40
CA LEU A 110 -16.75 -4.13 -2.82
C LEU A 110 -15.83 -4.46 -1.67
N LEU A 111 -15.82 -5.74 -1.26
CA LEU A 111 -15.00 -6.21 -0.17
C LEU A 111 -13.81 -6.98 -0.73
N VAL A 112 -12.61 -6.47 -0.50
CA VAL A 112 -11.38 -7.10 -0.99
C VAL A 112 -10.65 -7.69 0.21
N ILE A 113 -10.38 -8.98 0.14
CA ILE A 113 -9.78 -9.73 1.25
C ILE A 113 -8.44 -10.29 0.79
N GLY A 114 -7.39 -9.99 1.55
CA GLY A 114 -6.14 -10.69 1.41
C GLY A 114 -6.08 -11.85 2.38
N ALA A 115 -6.05 -13.07 1.86
CA ALA A 115 -6.13 -14.28 2.68
C ALA A 115 -5.20 -15.35 2.11
N PRO A 116 -3.91 -15.29 2.43
CA PRO A 116 -3.01 -16.36 2.03
C PRO A 116 -3.11 -17.56 2.95
N MET A 117 -2.67 -18.71 2.43
CA MET A 117 -2.73 -19.94 3.21
C MET A 117 -1.67 -19.93 4.30
N TYR A 118 -2.11 -19.95 5.56
CA TYR A 118 -1.25 -20.06 6.73
C TYR A 118 -1.62 -21.35 7.46
N ASN A 119 -0.86 -22.42 7.18
CA ASN A 119 -1.11 -23.74 7.76
C ASN A 119 -2.48 -24.29 7.35
N LEU A 120 -2.82 -24.07 6.08
CA LEU A 120 -4.02 -24.58 5.41
C LEU A 120 -5.31 -23.94 5.92
N ASN A 121 -5.23 -22.93 6.78
CA ASN A 121 -6.33 -22.05 7.11
C ASN A 121 -6.01 -20.64 6.60
N VAL A 122 -6.75 -19.65 7.07
CA VAL A 122 -6.48 -18.25 6.75
C VAL A 122 -5.58 -17.68 7.86
N PRO A 123 -5.02 -16.48 7.70
CA PRO A 123 -4.31 -15.86 8.83
C PRO A 123 -5.23 -15.63 10.01
N THR A 124 -4.67 -15.76 11.21
CA THR A 124 -5.48 -15.64 12.43
C THR A 124 -6.12 -14.26 12.52
N ASP A 125 -5.39 -13.22 12.14
CA ASP A 125 -5.91 -11.86 12.23
C ASP A 125 -7.11 -11.63 11.31
N LEU A 126 -7.26 -12.44 10.27
CA LEU A 126 -8.46 -12.36 9.44
C LEU A 126 -9.63 -13.06 10.10
N LYS A 127 -9.40 -14.28 10.57
CA LYS A 127 -10.44 -15.05 11.25
C LYS A 127 -11.05 -14.28 12.41
N LYS A 128 -10.23 -13.50 13.13
CA LYS A 128 -10.74 -12.69 14.22
C LYS A 128 -11.66 -11.58 13.72
N TRP A 129 -11.40 -11.05 12.53
CA TRP A 129 -12.32 -10.07 11.96
C TRP A 129 -13.67 -10.71 11.64
N PHE A 130 -13.65 -11.89 11.03
CA PHE A 130 -14.88 -12.62 10.77
C PHE A 130 -15.61 -12.96 12.08
N ASP A 131 -14.86 -13.34 13.10
CA ASP A 131 -15.46 -13.63 14.40
C ASP A 131 -16.09 -12.38 15.03
N LEU A 132 -15.75 -11.20 14.54
CA LEU A 132 -16.35 -9.96 15.03
C LEU A 132 -17.40 -9.39 14.09
N VAL A 133 -17.42 -9.82 12.83
CA VAL A 133 -18.32 -9.25 11.83
C VAL A 133 -19.47 -10.22 11.56
N ALA A 134 -19.24 -11.51 11.78
CA ALA A 134 -20.31 -12.50 11.70
C ALA A 134 -21.08 -12.43 13.02
N ARG A 135 -22.25 -11.81 12.99
CA ARG A 135 -22.94 -11.46 14.22
C ARG A 135 -24.45 -11.59 14.02
N ALA A 136 -25.12 -12.11 15.02
CA ALA A 136 -26.57 -12.28 14.97
C ALA A 136 -27.27 -10.94 15.18
N ARG A 137 -28.41 -10.78 14.50
CA ARG A 137 -29.19 -9.54 14.48
C ARG A 137 -28.36 -8.35 14.01
N GLU A 138 -27.27 -8.62 13.29
CA GLU A 138 -26.41 -7.59 12.73
C GLU A 138 -26.14 -7.88 11.27
N THR A 139 -25.34 -8.93 11.00
CA THR A 139 -25.05 -9.34 9.64
C THR A 139 -25.78 -10.61 9.20
N PHE A 140 -26.30 -11.40 10.13
CA PHE A 140 -27.14 -12.54 9.79
C PHE A 140 -28.22 -12.69 10.86
N ARG A 141 -29.35 -13.26 10.44
CA ARG A 141 -30.51 -13.46 11.30
C ARG A 141 -30.98 -14.90 11.18
N TYR A 142 -31.12 -15.54 12.34
CA TYR A 142 -31.65 -16.92 12.37
C TYR A 142 -33.13 -16.90 12.03
N THR A 143 -33.52 -17.75 11.10
CA THR A 143 -34.96 -17.87 10.79
C THR A 143 -35.29 -19.36 10.77
N GLU A 144 -36.54 -19.71 10.51
CA GLU A 144 -36.85 -21.14 10.30
C GLU A 144 -35.94 -21.59 9.14
N SER A 145 -35.20 -22.69 9.31
CA SER A 145 -34.23 -23.19 8.29
C SER A 145 -32.87 -22.50 8.42
N TRP A 146 -32.23 -22.15 7.31
CA TRP A 146 -30.86 -21.59 7.33
C TRP A 146 -30.87 -20.11 7.68
N PRO A 147 -30.08 -19.64 8.67
CA PRO A 147 -29.94 -18.21 8.92
C PRO A 147 -29.70 -17.39 7.65
N GLN A 148 -30.46 -16.32 7.46
CA GLN A 148 -30.35 -15.52 6.21
C GLN A 148 -29.44 -14.30 6.44
N GLY A 149 -28.85 -13.78 5.36
CA GLY A 149 -27.93 -12.67 5.46
C GLY A 149 -28.61 -11.33 5.63
N LEU A 150 -27.82 -10.36 6.09
CA LEU A 150 -28.31 -9.01 6.33
C LEU A 150 -27.43 -7.94 5.66
N VAL A 151 -26.47 -8.34 4.83
CA VAL A 151 -25.58 -7.41 4.14
C VAL A 151 -25.96 -7.38 2.67
N GLU A 152 -26.37 -6.21 2.19
CA GLU A 152 -26.85 -6.06 0.83
C GLU A 152 -25.87 -5.25 -0.01
N GLY A 153 -25.82 -5.55 -1.31
CA GLY A 153 -25.08 -4.76 -2.27
C GLY A 153 -23.57 -4.92 -2.25
N VAL A 154 -23.07 -6.02 -1.70
CA VAL A 154 -21.63 -6.23 -1.54
C VAL A 154 -21.22 -7.49 -2.29
N ARG A 155 -20.19 -7.37 -3.12
CA ARG A 155 -19.49 -8.51 -3.68
C ARG A 155 -18.21 -8.76 -2.88
N ALA A 156 -17.31 -9.57 -3.43
CA ALA A 156 -16.07 -9.87 -2.74
C ALA A 156 -15.06 -10.40 -3.74
N VAL A 157 -13.82 -9.91 -3.64
CA VAL A 157 -12.67 -10.45 -4.35
C VAL A 157 -11.67 -10.90 -3.31
N VAL A 158 -11.33 -12.18 -3.30
CA VAL A 158 -10.37 -12.75 -2.37
C VAL A 158 -9.03 -12.88 -3.06
N VAL A 159 -7.99 -12.30 -2.46
CA VAL A 159 -6.62 -12.49 -2.91
C VAL A 159 -6.00 -13.57 -2.03
N SER A 160 -5.54 -14.65 -2.65
CA SER A 160 -5.01 -15.80 -1.92
C SER A 160 -3.82 -16.37 -2.68
N SER A 161 -2.63 -16.22 -2.13
CA SER A 161 -1.44 -16.87 -2.66
C SER A 161 -1.11 -18.08 -1.80
N ARG A 162 -0.44 -19.05 -2.41
CA ARG A 162 -0.11 -20.30 -1.73
C ARG A 162 1.26 -20.77 -2.17
N GLY A 163 1.99 -21.40 -1.24
CA GLY A 163 3.27 -21.99 -1.59
C GLY A 163 3.13 -23.24 -2.44
N GLY A 164 2.00 -23.92 -2.35
CA GLY A 164 1.75 -25.12 -3.13
C GLY A 164 0.47 -25.00 -3.93
N ILE A 165 0.22 -26.02 -4.75
CA ILE A 165 -0.95 -26.06 -5.61
C ILE A 165 -2.13 -26.60 -4.80
N HIS A 166 -3.12 -25.75 -4.53
CA HIS A 166 -4.28 -26.14 -3.75
C HIS A 166 -5.60 -25.84 -4.43
N GLN A 167 -5.59 -25.20 -5.58
CA GLN A 167 -6.82 -24.89 -6.31
C GLN A 167 -7.56 -26.17 -6.69
N GLY A 168 -8.82 -26.27 -6.29
CA GLY A 168 -9.64 -27.40 -6.62
C GLY A 168 -9.41 -28.66 -5.81
N GLU A 169 -8.45 -28.63 -4.88
CA GLU A 169 -8.13 -29.80 -4.07
C GLU A 169 -8.83 -29.73 -2.71
N THR A 170 -8.80 -30.85 -1.99
CA THR A 170 -9.38 -30.89 -0.66
C THR A 170 -8.57 -30.07 0.33
N THR A 171 -7.26 -29.97 0.13
CA THR A 171 -6.41 -29.22 1.05
C THR A 171 -6.76 -27.74 1.09
N ASP A 172 -7.47 -27.23 0.09
CA ASP A 172 -7.93 -25.85 0.12
C ASP A 172 -9.21 -25.77 0.94
N ALA A 173 -9.09 -25.28 2.16
CA ALA A 173 -10.25 -24.93 2.97
C ALA A 173 -10.50 -23.43 3.00
N VAL A 174 -9.48 -22.62 2.68
CA VAL A 174 -9.64 -21.17 2.62
C VAL A 174 -10.79 -20.81 1.67
N THR A 175 -10.79 -21.42 0.48
CA THR A 175 -11.85 -21.13 -0.49
C THR A 175 -13.23 -21.50 0.05
N PRO A 176 -13.52 -22.76 0.41
CA PRO A 176 -14.88 -23.06 0.88
C PRO A 176 -15.25 -22.39 2.18
N TYR A 177 -14.29 -22.10 3.05
CA TYR A 177 -14.59 -21.35 4.27
C TYR A 177 -15.00 -19.92 3.94
N LEU A 178 -14.25 -19.25 3.05
CA LEU A 178 -14.56 -17.87 2.72
C LEU A 178 -15.89 -17.77 1.98
N ARG A 179 -16.16 -18.70 1.06
CA ARG A 179 -17.47 -18.73 0.42
C ARG A 179 -18.57 -18.91 1.44
N ALA A 180 -18.34 -19.76 2.44
CA ALA A 180 -19.40 -20.08 3.39
C ALA A 180 -19.62 -18.94 4.38
N VAL A 181 -18.55 -18.35 4.90
CA VAL A 181 -18.73 -17.32 5.93
C VAL A 181 -19.16 -15.99 5.33
N LEU A 182 -18.73 -15.67 4.11
CA LEU A 182 -19.25 -14.48 3.46
C LEU A 182 -20.69 -14.68 3.01
N GLY A 183 -21.02 -15.89 2.55
CA GLY A 183 -22.38 -16.20 2.19
C GLY A 183 -23.32 -16.21 3.38
N LEU A 184 -22.81 -16.54 4.55
CA LEU A 184 -23.64 -16.57 5.75
C LEU A 184 -24.28 -15.21 6.01
N MET A 185 -23.53 -14.13 5.81
CA MET A 185 -24.06 -12.79 6.05
C MET A 185 -24.63 -12.14 4.81
N GLY A 186 -24.66 -12.85 3.67
CA GLY A 186 -25.33 -12.36 2.48
C GLY A 186 -24.43 -12.08 1.29
N ILE A 187 -23.11 -12.15 1.45
CA ILE A 187 -22.19 -11.88 0.35
C ILE A 187 -22.09 -13.17 -0.46
N GLN A 188 -22.82 -13.24 -1.58
CA GLN A 188 -22.89 -14.44 -2.39
C GLN A 188 -21.91 -14.43 -3.57
N GLU A 189 -21.80 -13.31 -4.28
CA GLU A 189 -20.86 -13.19 -5.38
C GLU A 189 -19.47 -12.96 -4.81
N VAL A 190 -18.61 -13.97 -4.89
CA VAL A 190 -17.25 -13.91 -4.36
C VAL A 190 -16.29 -14.39 -5.44
N GLU A 191 -15.41 -13.50 -5.88
CA GLU A 191 -14.36 -13.87 -6.80
C GLU A 191 -13.09 -14.24 -6.04
N PHE A 192 -12.26 -15.05 -6.69
CA PHE A 192 -11.00 -15.50 -6.08
C PHE A 192 -9.87 -15.22 -7.05
N ILE A 193 -8.79 -14.64 -6.55
CA ILE A 193 -7.58 -14.40 -7.32
C ILE A 193 -6.47 -15.23 -6.68
N TYR A 194 -5.93 -16.18 -7.44
CA TYR A 194 -5.05 -17.20 -6.91
C TYR A 194 -3.64 -17.05 -7.47
N ALA A 195 -2.65 -17.30 -6.61
CA ALA A 195 -1.24 -17.38 -6.99
C ALA A 195 -0.71 -18.67 -6.39
N GLU A 196 -0.77 -19.75 -7.15
CA GLU A 196 -0.46 -21.08 -6.65
C GLU A 196 1.03 -21.39 -6.79
N GLY A 197 1.45 -22.43 -6.06
CA GLY A 197 2.77 -23.01 -6.17
C GLY A 197 3.94 -22.05 -6.24
N LEU A 198 3.96 -21.04 -5.37
CA LEU A 198 5.00 -20.02 -5.41
C LEU A 198 6.33 -20.49 -4.83
N ASP A 199 6.42 -21.72 -4.34
CA ASP A 199 7.68 -22.26 -3.82
C ASP A 199 8.11 -23.48 -4.60
N ASN A 200 8.12 -23.34 -5.92
CA ASN A 200 8.59 -24.40 -6.80
C ASN A 200 10.00 -24.08 -7.25
N ARG A 201 10.75 -25.13 -7.56
CA ARG A 201 12.17 -24.99 -7.91
C ARG A 201 12.41 -24.08 -9.11
N PRO A 202 11.73 -24.26 -10.26
CA PRO A 202 12.06 -23.40 -11.41
C PRO A 202 11.46 -22.01 -11.29
N HIS A 203 10.28 -21.83 -11.88
CA HIS A 203 9.65 -20.52 -11.90
C HIS A 203 8.23 -20.61 -11.37
N GLY A 204 8.06 -21.28 -10.23
CA GLY A 204 6.74 -21.36 -9.62
C GLY A 204 6.27 -20.02 -9.07
N ARG A 205 7.18 -19.25 -8.48
CA ARG A 205 6.82 -17.90 -8.05
C ARG A 205 6.42 -17.03 -9.23
N ASP A 206 7.12 -17.17 -10.36
CA ASP A 206 6.82 -16.37 -11.54
C ASP A 206 5.46 -16.75 -12.14
N ALA A 207 5.30 -18.02 -12.51
CA ALA A 207 4.05 -18.45 -13.13
C ALA A 207 2.85 -18.20 -12.23
N GLY A 208 3.03 -18.32 -10.91
CA GLY A 208 1.93 -18.05 -9.99
C GLY A 208 1.52 -16.58 -10.00
N ILE A 209 2.49 -15.68 -9.97
CA ILE A 209 2.16 -14.26 -9.98
C ILE A 209 1.60 -13.85 -11.34
N ALA A 210 2.21 -14.31 -12.43
CA ALA A 210 1.72 -13.97 -13.76
C ALA A 210 0.29 -14.47 -13.95
N SER A 211 -0.03 -15.64 -13.42
CA SER A 211 -1.40 -16.14 -13.47
C SER A 211 -2.34 -15.19 -12.74
N ALA A 212 -2.02 -14.86 -11.49
CA ALA A 212 -2.86 -13.96 -10.71
C ALA A 212 -2.99 -12.61 -11.39
N ARG A 213 -1.97 -12.19 -12.13
CA ARG A 213 -2.06 -10.92 -12.86
C ARG A 213 -3.03 -11.04 -14.04
N ALA A 214 -3.09 -12.21 -14.67
CA ALA A 214 -4.13 -12.43 -15.68
C ALA A 214 -5.51 -12.42 -15.05
N GLN A 215 -5.62 -12.82 -13.78
CA GLN A 215 -6.89 -12.69 -13.06
C GLN A 215 -7.13 -11.26 -12.61
N ILE A 216 -6.07 -10.49 -12.39
CA ILE A 216 -6.21 -9.07 -12.08
C ILE A 216 -6.95 -8.36 -13.20
N ALA A 217 -6.49 -8.54 -14.44
CA ALA A 217 -7.02 -7.77 -15.57
C ALA A 217 -8.46 -8.12 -15.86
N ARG A 218 -8.83 -9.39 -15.75
CA ARG A 218 -10.21 -9.78 -16.02
C ARG A 218 -11.16 -9.19 -14.97
N LEU A 219 -10.87 -9.44 -13.70
CA LEU A 219 -11.81 -9.12 -12.63
C LEU A 219 -11.88 -7.64 -12.31
N ALA A 220 -10.97 -6.82 -12.82
CA ALA A 220 -10.97 -5.39 -12.52
C ALA A 220 -12.05 -4.63 -13.28
N VAL A 221 -12.60 -5.21 -14.35
CA VAL A 221 -13.54 -4.52 -15.23
C VAL A 221 -14.91 -4.32 -14.60
N PRO A 222 -15.57 -5.36 -14.03
CA PRO A 222 -17.01 -5.26 -13.75
C PRO A 222 -17.47 -4.18 -12.77
N ALA A 223 -16.62 -3.22 -12.44
CA ALA A 223 -17.01 -2.02 -11.67
C ALA A 223 -17.49 -2.30 -10.25
N SER B 22 1.77 -50.40 29.11
CA SER B 22 0.98 -50.56 27.89
C SER B 22 -0.09 -49.47 27.79
N MET B 23 0.02 -48.47 28.66
CA MET B 23 -0.99 -47.42 28.74
C MET B 23 -0.86 -46.46 27.57
N ALA B 24 -2.00 -46.10 26.98
CA ALA B 24 -2.02 -45.15 25.89
C ALA B 24 -1.67 -43.74 26.40
N ASN B 25 -1.03 -42.97 25.53
CA ASN B 25 -0.70 -41.57 25.81
C ASN B 25 -1.64 -40.70 24.97
N VAL B 26 -2.58 -40.03 25.64
CA VAL B 26 -3.64 -39.29 24.97
C VAL B 26 -3.46 -37.80 25.28
N LEU B 27 -3.29 -37.00 24.23
CA LEU B 27 -3.23 -35.54 24.34
C LEU B 27 -4.61 -34.97 24.03
N VAL B 28 -5.21 -34.29 25.01
CA VAL B 28 -6.56 -33.77 24.90
C VAL B 28 -6.48 -32.25 24.72
N LEU B 29 -6.94 -31.76 23.58
CA LEU B 29 -7.05 -30.34 23.31
C LEU B 29 -8.53 -29.96 23.32
N LYS B 30 -8.90 -29.04 24.21
CA LYS B 30 -10.24 -28.50 24.31
C LYS B 30 -10.22 -27.03 23.92
N SER B 31 -11.06 -26.64 22.96
CA SER B 31 -11.02 -25.29 22.42
C SER B 31 -12.37 -24.59 22.44
N SER B 32 -13.38 -25.15 23.09
CA SER B 32 -14.66 -24.47 23.17
C SER B 32 -14.59 -23.33 24.18
N ILE B 33 -15.44 -22.32 23.97
CA ILE B 33 -15.52 -21.20 24.89
C ILE B 33 -16.70 -21.31 25.84
N ASN B 34 -17.53 -22.33 25.70
CA ASN B 34 -18.77 -22.44 26.48
C ASN B 34 -18.56 -22.93 27.91
N GLY B 35 -17.32 -23.16 28.34
CA GLY B 35 -17.08 -23.52 29.73
C GLY B 35 -17.65 -24.89 30.07
N GLU B 36 -18.45 -24.94 31.15
CA GLU B 36 -19.06 -26.19 31.56
C GLU B 36 -20.12 -26.65 30.57
N THR B 37 -20.81 -25.70 29.91
CA THR B 37 -21.87 -26.03 28.98
C THR B 37 -21.35 -26.73 27.72
N SER B 38 -20.05 -26.65 27.47
CA SER B 38 -19.47 -27.12 26.21
C SER B 38 -19.88 -28.55 25.88
N LEU B 39 -20.23 -28.78 24.63
CA LEU B 39 -20.62 -30.12 24.18
C LEU B 39 -19.41 -30.90 23.66
N THR B 40 -18.56 -30.30 22.86
CA THR B 40 -17.34 -31.02 22.41
C THR B 40 -16.56 -31.49 23.62
N ASN B 41 -16.53 -30.71 24.71
CA ASN B 41 -15.79 -31.10 25.92
C ASN B 41 -16.60 -32.17 26.64
N GLN B 42 -17.93 -32.06 26.65
CA GLN B 42 -18.75 -33.14 27.22
C GLN B 42 -18.57 -34.43 26.43
N LEU B 43 -18.57 -34.34 25.10
CA LEU B 43 -18.39 -35.54 24.29
C LEU B 43 -16.96 -36.07 24.36
N ILE B 44 -15.99 -35.20 24.67
CA ILE B 44 -14.63 -35.68 24.89
C ILE B 44 -14.56 -36.55 26.13
N ASN B 45 -15.20 -36.10 27.22
CA ASN B 45 -15.20 -36.87 28.45
C ASN B 45 -15.92 -38.21 28.26
N GLU B 46 -17.10 -38.16 27.62
CA GLU B 46 -17.83 -39.40 27.34
C GLU B 46 -17.02 -40.33 26.45
N PHE B 47 -16.26 -39.77 25.51
CA PHE B 47 -15.40 -40.60 24.67
C PHE B 47 -14.26 -41.20 25.49
N LEU B 48 -13.71 -40.43 26.43
CA LEU B 48 -12.62 -40.94 27.25
C LEU B 48 -13.08 -42.08 28.14
N ALA B 49 -14.21 -41.90 28.83
CA ALA B 49 -14.74 -42.97 29.67
C ALA B 49 -15.08 -44.20 28.85
N ALA B 50 -15.60 -44.01 27.63
CA ALA B 50 -15.89 -45.15 26.77
C ALA B 50 -14.62 -45.91 26.39
N ARG B 51 -13.49 -45.21 26.27
CA ARG B 51 -12.22 -45.90 26.07
C ARG B 51 -11.84 -46.70 27.30
N GLN B 52 -12.03 -46.12 28.49
CA GLN B 52 -11.80 -46.85 29.73
C GLN B 52 -12.78 -47.99 29.90
N ALA B 53 -14.06 -47.75 29.56
CA ALA B 53 -15.06 -48.80 29.64
C ALA B 53 -14.81 -49.94 28.65
N ALA B 54 -13.90 -49.76 27.70
CA ALA B 54 -13.53 -50.79 26.74
C ALA B 54 -12.16 -51.37 27.02
N GLY B 55 -11.62 -51.15 28.22
CA GLY B 55 -10.35 -51.72 28.60
C GLY B 55 -9.15 -50.97 28.06
N HIS B 56 -9.06 -49.67 28.34
CA HIS B 56 -7.90 -48.87 27.96
C HIS B 56 -7.51 -48.00 29.14
N GLY B 57 -6.29 -48.15 29.61
CA GLY B 57 -5.72 -47.22 30.56
C GLY B 57 -5.13 -46.03 29.83
N ASP B 58 -5.62 -44.83 30.13
CA ASP B 58 -5.27 -43.64 29.38
C ASP B 58 -4.43 -42.69 30.23
N ARG B 59 -3.33 -42.21 29.67
CA ARG B 59 -2.52 -41.16 30.27
C ARG B 59 -2.82 -39.86 29.55
N LEU B 60 -3.41 -38.90 30.26
CA LEU B 60 -3.97 -37.70 29.65
C LEU B 60 -3.10 -36.48 29.92
N ILE B 61 -2.72 -35.79 28.86
CA ILE B 61 -2.25 -34.41 28.93
C ILE B 61 -3.40 -33.54 28.45
N GLU B 62 -3.95 -32.72 29.35
CA GLU B 62 -5.18 -31.99 29.10
C GLU B 62 -4.86 -30.51 28.93
N HIS B 63 -5.28 -29.92 27.80
CA HIS B 63 -4.99 -28.53 27.47
C HIS B 63 -6.29 -27.81 27.14
N ASP B 64 -6.80 -27.02 28.08
CA ASP B 64 -7.93 -26.13 27.79
C ASP B 64 -7.37 -24.91 27.06
N LEU B 65 -7.34 -24.99 25.72
CA LEU B 65 -6.82 -23.90 24.91
C LEU B 65 -7.58 -22.61 25.15
N SER B 66 -8.85 -22.71 25.57
CA SER B 66 -9.66 -21.51 25.78
C SER B 66 -9.05 -20.59 26.83
N ALA B 67 -8.45 -21.15 27.87
CA ALA B 67 -7.98 -20.36 29.00
C ALA B 67 -6.46 -20.22 29.07
N MET B 68 -5.74 -20.68 28.05
CA MET B 68 -4.28 -20.59 28.06
C MET B 68 -3.74 -19.29 27.49
N ALA B 69 -4.59 -18.50 26.82
CA ALA B 69 -4.17 -17.26 26.17
C ALA B 69 -3.00 -17.53 25.22
N LEU B 70 -3.24 -18.45 24.28
CA LEU B 70 -2.22 -18.83 23.32
C LEU B 70 -1.80 -17.62 22.50
N PRO B 71 -0.52 -17.46 22.20
CA PRO B 71 -0.08 -16.30 21.42
C PRO B 71 -0.49 -16.42 19.95
N THR B 72 -0.64 -15.26 19.31
CA THR B 72 -0.99 -15.19 17.91
C THR B 72 0.27 -15.11 17.06
N LEU B 73 0.21 -15.72 15.88
CA LEU B 73 1.36 -15.72 14.98
C LEU B 73 1.47 -14.37 14.28
N ASP B 74 2.58 -13.67 14.52
CA ASP B 74 2.89 -12.42 13.84
C ASP B 74 4.30 -12.50 13.28
N ARG B 75 4.68 -11.46 12.53
CA ARG B 75 5.99 -11.40 11.89
C ARG B 75 7.15 -11.68 12.85
N PRO B 76 7.23 -11.05 14.05
CA PRO B 76 8.37 -11.36 14.92
C PRO B 76 8.38 -12.79 15.43
N LEU B 77 7.22 -13.27 15.90
CA LEU B 77 7.15 -14.62 16.46
C LEU B 77 7.42 -15.67 15.38
N PHE B 78 6.98 -15.43 14.15
CA PHE B 78 7.22 -16.38 13.08
C PHE B 78 8.71 -16.52 12.76
N ALA B 79 9.52 -15.51 13.07
CA ALA B 79 10.96 -15.59 12.80
C ALA B 79 11.69 -16.38 13.88
N ALA B 80 11.32 -16.17 15.15
CA ALA B 80 11.90 -16.96 16.23
C ALA B 80 11.54 -18.43 16.08
N LEU B 81 10.31 -18.70 15.63
CA LEU B 81 9.90 -20.08 15.34
C LEU B 81 10.66 -20.65 14.14
N ARG B 82 11.16 -19.80 13.25
CA ARG B 82 11.95 -20.24 12.12
C ARG B 82 13.45 -20.26 12.43
N GLY B 83 13.92 -19.38 13.33
CA GLY B 83 15.30 -19.45 13.76
C GLY B 83 15.90 -18.18 14.34
N ALA B 84 15.37 -17.03 13.94
CA ALA B 84 16.04 -15.76 14.23
C ALA B 84 16.10 -15.47 15.72
N VAL B 85 17.13 -14.73 16.10
CA VAL B 85 17.35 -14.36 17.50
C VAL B 85 16.40 -13.23 17.85
N ASP B 86 15.60 -13.44 18.89
CA ASP B 86 14.71 -12.39 19.38
C ASP B 86 14.73 -12.46 20.90
N PRO B 87 15.66 -11.74 21.54
CA PRO B 87 15.72 -11.74 23.01
C PRO B 87 14.65 -10.87 23.65
N GLN B 88 13.41 -10.96 23.15
CA GLN B 88 12.23 -10.41 23.83
C GLN B 88 11.70 -11.44 24.81
N PRO B 89 11.51 -11.09 26.07
CA PRO B 89 10.93 -12.06 27.03
C PRO B 89 9.63 -12.69 26.57
N ALA B 90 8.75 -11.93 25.91
CA ALA B 90 7.48 -12.48 25.47
C ALA B 90 7.64 -13.42 24.28
N ILE B 91 8.62 -13.15 23.42
CA ILE B 91 8.82 -14.01 22.26
C ILE B 91 9.63 -15.25 22.64
N ARG B 92 10.57 -15.11 23.57
CA ARG B 92 11.28 -16.27 24.08
C ARG B 92 10.32 -17.22 24.80
N GLU B 93 9.29 -16.68 25.45
CA GLU B 93 8.33 -17.53 26.15
C GLU B 93 7.43 -18.29 25.18
N ALA B 94 7.12 -17.69 24.04
CA ALA B 94 6.22 -18.35 23.09
C ALA B 94 6.93 -19.49 22.36
N VAL B 95 8.22 -19.32 22.05
CA VAL B 95 8.98 -20.41 21.46
C VAL B 95 9.15 -21.55 22.45
N ALA B 96 9.23 -21.25 23.74
CA ALA B 96 9.24 -22.29 24.76
C ALA B 96 7.92 -23.05 24.76
N LEU B 97 6.81 -22.32 24.72
CA LEU B 97 5.50 -22.97 24.62
C LEU B 97 5.39 -23.78 23.33
N SER B 98 5.89 -23.23 22.23
CA SER B 98 5.85 -23.97 20.96
C SER B 98 6.61 -25.29 21.08
N ASP B 99 7.72 -25.30 21.82
CA ASP B 99 8.52 -26.51 21.93
C ASP B 99 7.85 -27.54 22.82
N GLN B 100 7.28 -27.12 23.95
CA GLN B 100 6.60 -28.05 24.84
C GLN B 100 5.40 -28.69 24.15
N LEU B 101 4.63 -27.89 23.40
CA LEU B 101 3.47 -28.42 22.70
C LEU B 101 3.89 -29.39 21.60
N ILE B 102 4.95 -29.05 20.85
CA ILE B 102 5.46 -29.97 19.84
C ILE B 102 6.03 -31.22 20.49
N ALA B 103 6.57 -31.11 21.70
CA ALA B 103 7.09 -32.28 22.40
C ALA B 103 5.98 -33.20 22.86
N GLU B 104 4.90 -32.63 23.42
CA GLU B 104 3.77 -33.44 23.87
C GLU B 104 3.13 -34.20 22.71
N LEU B 105 2.92 -33.51 21.58
CA LEU B 105 2.27 -34.15 20.44
C LEU B 105 3.11 -35.30 19.89
N LYS B 106 4.43 -35.11 19.80
CA LYS B 106 5.29 -36.18 19.31
C LYS B 106 5.38 -37.35 20.28
N ALA B 107 5.03 -37.15 21.54
CA ALA B 107 5.17 -38.18 22.57
C ALA B 107 3.89 -38.97 22.84
N SER B 108 2.78 -38.59 22.21
CA SER B 108 1.50 -39.23 22.48
C SER B 108 1.14 -40.21 21.38
N ASP B 109 0.16 -41.07 21.68
CA ASP B 109 -0.38 -42.01 20.70
C ASP B 109 -1.70 -41.57 20.11
N LEU B 110 -2.47 -40.77 20.84
CA LEU B 110 -3.83 -40.40 20.43
C LEU B 110 -4.05 -38.93 20.67
N LEU B 111 -4.33 -38.19 19.60
CA LEU B 111 -4.66 -36.77 19.66
C LEU B 111 -6.16 -36.63 19.55
N VAL B 112 -6.78 -36.03 20.58
CA VAL B 112 -8.23 -35.84 20.63
C VAL B 112 -8.51 -34.36 20.63
N ILE B 113 -9.16 -33.88 19.57
CA ILE B 113 -9.34 -32.45 19.33
C ILE B 113 -10.82 -32.11 19.42
N GLY B 114 -11.17 -31.15 20.26
CA GLY B 114 -12.49 -30.58 20.27
C GLY B 114 -12.58 -29.43 19.28
N ALA B 115 -13.35 -29.60 18.21
CA ALA B 115 -13.42 -28.63 17.12
C ALA B 115 -14.86 -28.30 16.79
N PRO B 116 -15.56 -27.58 17.67
CA PRO B 116 -16.89 -27.09 17.32
C PRO B 116 -16.81 -26.02 16.24
N MET B 117 -17.82 -26.01 15.37
CA MET B 117 -17.83 -25.06 14.26
C MET B 117 -18.22 -23.67 14.78
N TYR B 118 -17.29 -22.72 14.66
CA TYR B 118 -17.50 -21.35 15.10
C TYR B 118 -17.35 -20.45 13.89
N ASN B 119 -18.47 -19.89 13.42
CA ASN B 119 -18.50 -19.05 12.22
C ASN B 119 -17.83 -19.75 11.06
N LEU B 120 -18.15 -21.03 10.89
CA LEU B 120 -17.69 -21.87 9.78
C LEU B 120 -16.18 -22.12 9.80
N ASN B 121 -15.56 -21.98 10.97
CA ASN B 121 -14.16 -22.31 11.19
C ASN B 121 -14.03 -23.00 12.53
N VAL B 122 -12.83 -23.51 12.82
CA VAL B 122 -12.53 -24.06 14.14
C VAL B 122 -12.53 -22.90 15.12
N PRO B 123 -12.56 -23.15 16.43
CA PRO B 123 -12.37 -22.04 17.38
C PRO B 123 -10.96 -21.47 17.24
N THR B 124 -10.85 -20.15 17.45
CA THR B 124 -9.60 -19.46 17.19
C THR B 124 -8.45 -20.03 18.01
N ASP B 125 -8.74 -20.42 19.27
CA ASP B 125 -7.69 -20.92 20.15
C ASP B 125 -7.12 -22.24 19.64
N LEU B 126 -7.96 -23.10 19.06
CA LEU B 126 -7.46 -24.31 18.44
C LEU B 126 -6.58 -23.98 17.23
N LYS B 127 -6.98 -22.95 16.48
CA LYS B 127 -6.15 -22.49 15.36
C LYS B 127 -4.81 -21.97 15.84
N LYS B 128 -4.80 -21.24 16.95
CA LYS B 128 -3.54 -20.76 17.52
C LYS B 128 -2.62 -21.90 17.91
N TRP B 129 -3.19 -23.03 18.37
CA TRP B 129 -2.38 -24.18 18.71
C TRP B 129 -1.67 -24.73 17.47
N PHE B 130 -2.43 -24.96 16.40
CA PHE B 130 -1.83 -25.41 15.14
C PHE B 130 -0.77 -24.44 14.64
N ASP B 131 -0.97 -23.13 14.88
CA ASP B 131 0.00 -22.13 14.45
C ASP B 131 1.34 -22.31 15.18
N LEU B 132 1.29 -22.74 16.44
CA LEU B 132 2.50 -22.93 17.22
C LEU B 132 3.05 -24.36 17.13
N VAL B 133 2.32 -25.27 16.52
CA VAL B 133 2.73 -26.67 16.45
C VAL B 133 3.16 -27.09 15.05
N ALA B 134 2.57 -26.52 14.00
CA ALA B 134 2.98 -26.79 12.62
C ALA B 134 4.20 -25.93 12.31
N ARG B 135 5.38 -26.53 12.45
CA ARG B 135 6.64 -25.82 12.30
C ARG B 135 7.58 -26.60 11.40
N ALA B 136 8.26 -25.89 10.50
CA ALA B 136 9.26 -26.54 9.65
C ALA B 136 10.45 -26.97 10.48
N ARG B 137 11.07 -28.09 10.07
CA ARG B 137 12.16 -28.75 10.77
C ARG B 137 11.68 -29.39 12.07
N GLU B 138 10.49 -29.03 12.54
CA GLU B 138 9.97 -29.59 13.78
C GLU B 138 8.92 -30.66 13.49
N THR B 139 7.76 -30.27 12.97
CA THR B 139 6.70 -31.21 12.67
C THR B 139 6.55 -31.52 11.18
N PHE B 140 7.25 -30.81 10.31
CA PHE B 140 7.30 -31.14 8.89
C PHE B 140 8.58 -30.57 8.31
N ARG B 141 8.90 -31.03 7.10
CA ARG B 141 10.08 -30.55 6.39
C ARG B 141 9.77 -30.53 4.90
N TYR B 142 10.25 -29.49 4.22
CA TYR B 142 9.93 -29.28 2.81
C TYR B 142 10.71 -30.26 1.95
N THR B 143 9.98 -31.05 1.15
CA THR B 143 10.62 -31.99 0.22
C THR B 143 10.53 -31.39 -1.20
N GLU B 144 11.33 -31.89 -2.15
CA GLU B 144 11.28 -31.41 -3.56
C GLU B 144 9.87 -31.58 -4.11
N SER B 145 9.06 -32.45 -3.52
CA SER B 145 7.64 -32.55 -3.92
C SER B 145 6.76 -31.95 -2.82
N TRP B 146 6.22 -32.79 -1.94
CA TRP B 146 5.27 -32.32 -0.90
C TRP B 146 5.95 -32.41 0.46
N PRO B 147 5.66 -31.48 1.40
CA PRO B 147 6.20 -31.57 2.75
C PRO B 147 6.01 -32.96 3.37
N GLN B 148 7.02 -33.43 4.10
CA GLN B 148 6.97 -34.75 4.76
C GLN B 148 6.70 -34.55 6.25
N GLY B 149 5.73 -35.29 6.80
CA GLY B 149 5.45 -35.15 8.21
C GLY B 149 6.55 -35.75 9.05
N LEU B 150 6.69 -35.25 10.27
CA LEU B 150 7.67 -35.76 11.22
C LEU B 150 7.02 -36.31 12.49
N VAL B 151 5.71 -36.21 12.61
CA VAL B 151 4.97 -36.86 13.69
C VAL B 151 4.62 -38.27 13.23
N GLU B 152 5.12 -39.27 13.95
CA GLU B 152 4.96 -40.67 13.58
C GLU B 152 4.13 -41.41 14.61
N GLY B 153 3.24 -42.26 14.14
CA GLY B 153 2.43 -43.10 15.00
C GLY B 153 1.53 -42.34 15.95
N VAL B 154 0.72 -41.42 15.42
CA VAL B 154 -0.24 -40.66 16.20
C VAL B 154 -1.59 -40.68 15.49
N ARG B 155 -2.63 -41.10 16.21
CA ARG B 155 -3.99 -41.07 15.73
C ARG B 155 -4.66 -39.76 16.10
N ALA B 156 -5.71 -39.42 15.37
CA ALA B 156 -6.50 -38.22 15.65
C ALA B 156 -7.97 -38.57 15.66
N VAL B 157 -8.65 -38.21 16.75
CA VAL B 157 -10.09 -38.30 16.86
C VAL B 157 -10.62 -36.90 17.13
N VAL B 158 -11.49 -36.41 16.26
CA VAL B 158 -11.97 -35.04 16.32
C VAL B 158 -13.44 -35.04 16.72
N VAL B 159 -13.73 -34.45 17.87
CA VAL B 159 -15.10 -34.14 18.23
C VAL B 159 -15.48 -32.80 17.61
N SER B 160 -16.66 -32.74 17.01
CA SER B 160 -17.09 -31.52 16.31
C SER B 160 -18.61 -31.45 16.33
N SER B 161 -19.15 -30.72 17.30
CA SER B 161 -20.57 -30.40 17.29
C SER B 161 -20.83 -29.19 16.40
N ARG B 162 -21.98 -29.20 15.73
CA ARG B 162 -22.34 -28.16 14.79
C ARG B 162 -23.75 -27.68 15.06
N GLY B 163 -24.05 -26.48 14.56
CA GLY B 163 -25.38 -25.92 14.68
C GLY B 163 -26.35 -26.51 13.68
N GLY B 164 -26.11 -26.27 12.40
CA GLY B 164 -26.80 -26.95 11.32
C GLY B 164 -26.07 -28.23 10.96
N ILE B 165 -26.28 -28.71 9.74
CA ILE B 165 -25.57 -29.91 9.32
C ILE B 165 -24.82 -29.60 8.04
N HIS B 166 -23.58 -30.09 7.98
CA HIS B 166 -22.61 -29.73 6.95
C HIS B 166 -21.82 -30.93 6.41
N GLN B 167 -21.71 -32.05 7.13
CA GLN B 167 -20.76 -33.09 6.72
C GLN B 167 -21.18 -33.57 5.34
N GLY B 168 -20.23 -33.58 4.41
CA GLY B 168 -20.46 -33.88 3.00
C GLY B 168 -20.56 -32.66 2.11
N GLU B 169 -21.22 -31.61 2.60
CA GLU B 169 -21.46 -30.45 1.77
C GLU B 169 -20.25 -29.50 1.76
N THR B 170 -20.32 -28.51 0.87
CA THR B 170 -19.22 -27.57 0.68
C THR B 170 -19.03 -26.66 1.88
N THR B 171 -20.11 -26.31 2.57
CA THR B 171 -20.03 -25.39 3.70
C THR B 171 -19.23 -25.94 4.86
N ASP B 172 -18.93 -27.24 4.87
CA ASP B 172 -18.08 -27.84 5.91
C ASP B 172 -16.63 -27.55 5.55
N ALA B 173 -16.06 -26.53 6.18
CA ALA B 173 -14.64 -26.22 6.04
C ALA B 173 -13.79 -26.81 7.15
N VAL B 174 -14.38 -27.01 8.34
CA VAL B 174 -13.63 -27.56 9.47
C VAL B 174 -13.06 -28.93 9.14
N THR B 175 -13.87 -29.79 8.50
CA THR B 175 -13.44 -31.16 8.23
C THR B 175 -12.26 -31.22 7.27
N PRO B 176 -12.33 -30.64 6.06
CA PRO B 176 -11.14 -30.69 5.18
C PRO B 176 -9.98 -29.87 5.70
N TYR B 177 -10.22 -28.88 6.56
CA TYR B 177 -9.11 -28.14 7.16
C TYR B 177 -8.32 -29.02 8.12
N LEU B 178 -9.02 -29.63 9.08
CA LEU B 178 -8.34 -30.45 10.08
C LEU B 178 -7.57 -31.60 9.44
N ARG B 179 -8.13 -32.17 8.37
CA ARG B 179 -7.46 -33.25 7.66
C ARG B 179 -6.15 -32.78 7.03
N ALA B 180 -6.20 -31.62 6.36
CA ALA B 180 -5.02 -31.13 5.65
C ALA B 180 -3.90 -30.77 6.60
N VAL B 181 -4.21 -30.05 7.68
CA VAL B 181 -3.16 -29.52 8.55
C VAL B 181 -2.56 -30.64 9.39
N LEU B 182 -3.36 -31.63 9.80
CA LEU B 182 -2.81 -32.77 10.53
C LEU B 182 -1.98 -33.65 9.60
N GLY B 183 -2.47 -33.88 8.38
CA GLY B 183 -1.70 -34.66 7.42
C GLY B 183 -0.40 -34.00 7.03
N LEU B 184 -0.37 -32.66 7.03
CA LEU B 184 0.89 -31.97 6.81
C LEU B 184 1.94 -32.37 7.83
N MET B 185 1.52 -32.59 9.07
CA MET B 185 2.44 -32.93 10.14
C MET B 185 2.70 -34.43 10.26
N GLY B 186 2.01 -35.25 9.46
CA GLY B 186 2.21 -36.69 9.47
C GLY B 186 1.05 -37.47 10.05
N ILE B 187 0.10 -36.82 10.70
CA ILE B 187 -1.06 -37.50 11.26
C ILE B 187 -2.07 -37.75 10.16
N GLN B 188 -1.85 -38.83 9.38
CA GLN B 188 -2.78 -39.22 8.33
C GLN B 188 -3.82 -40.22 8.81
N GLU B 189 -4.25 -40.11 10.06
CA GLU B 189 -5.27 -41.00 10.65
C GLU B 189 -6.18 -40.13 11.50
N VAL B 190 -7.28 -39.66 10.92
CA VAL B 190 -8.23 -38.80 11.59
C VAL B 190 -9.60 -39.46 11.54
N GLU B 191 -10.34 -39.39 12.65
CA GLU B 191 -11.68 -39.96 12.75
C GLU B 191 -12.57 -38.96 13.47
N PHE B 192 -13.68 -38.60 12.85
CA PHE B 192 -14.54 -37.53 13.32
C PHE B 192 -15.76 -38.09 14.05
N ILE B 193 -16.08 -37.51 15.20
CA ILE B 193 -17.34 -37.77 15.90
C ILE B 193 -18.18 -36.50 15.72
N TYR B 194 -19.13 -36.55 14.79
CA TYR B 194 -19.96 -35.40 14.48
C TYR B 194 -21.21 -35.37 15.36
N ALA B 195 -21.68 -34.15 15.63
CA ALA B 195 -22.90 -33.92 16.39
C ALA B 195 -23.65 -32.74 15.80
N GLU B 196 -23.95 -32.81 14.51
CA GLU B 196 -24.57 -31.70 13.80
C GLU B 196 -26.08 -31.66 14.06
N GLY B 197 -26.70 -30.54 13.67
CA GLY B 197 -28.12 -30.37 13.75
C GLY B 197 -28.67 -29.89 15.08
N LEU B 198 -27.82 -29.36 15.96
CA LEU B 198 -28.25 -29.05 17.33
C LEU B 198 -29.15 -27.82 17.41
N ASP B 199 -29.34 -27.09 16.31
CA ASP B 199 -30.15 -25.87 16.38
C ASP B 199 -31.63 -26.18 16.41
N ASN B 200 -32.05 -27.28 15.79
CA ASN B 200 -33.44 -27.72 15.86
C ASN B 200 -33.74 -28.14 17.31
N ARG B 201 -34.58 -27.36 17.99
CA ARG B 201 -34.73 -27.49 19.44
C ARG B 201 -35.15 -28.89 19.88
N PRO B 202 -36.21 -29.52 19.34
CA PRO B 202 -36.63 -30.83 19.85
C PRO B 202 -35.70 -31.97 19.45
N HIS B 203 -35.97 -32.59 18.30
CA HIS B 203 -35.20 -33.77 17.90
C HIS B 203 -33.75 -33.41 17.60
N GLY B 204 -33.52 -32.29 16.92
CA GLY B 204 -32.22 -31.91 16.40
C GLY B 204 -31.07 -32.11 17.37
N ARG B 205 -31.20 -31.54 18.57
CA ARG B 205 -30.17 -31.73 19.58
C ARG B 205 -30.05 -33.19 19.99
N ASP B 206 -31.18 -33.82 20.34
CA ASP B 206 -31.14 -35.19 20.86
C ASP B 206 -30.60 -36.17 19.82
N ALA B 207 -30.95 -35.97 18.54
CA ALA B 207 -30.53 -36.89 17.50
C ALA B 207 -29.05 -36.75 17.19
N GLY B 208 -28.55 -35.50 17.09
CA GLY B 208 -27.14 -35.31 16.81
C GLY B 208 -26.25 -35.81 17.93
N ILE B 209 -26.65 -35.58 19.18
CA ILE B 209 -25.91 -36.12 20.31
C ILE B 209 -25.94 -37.64 20.30
N ALA B 210 -27.12 -38.22 20.04
CA ALA B 210 -27.25 -39.66 19.99
C ALA B 210 -26.40 -40.25 18.86
N SER B 211 -26.34 -39.56 17.73
CA SER B 211 -25.49 -40.02 16.63
C SER B 211 -24.02 -39.99 17.03
N ALA B 212 -23.60 -38.93 17.73
CA ALA B 212 -22.22 -38.85 18.20
C ALA B 212 -21.91 -39.95 19.20
N ARG B 213 -22.82 -40.17 20.16
CA ARG B 213 -22.61 -41.20 21.16
C ARG B 213 -22.54 -42.60 20.55
N ALA B 214 -23.24 -42.80 19.43
CA ALA B 214 -23.09 -44.04 18.69
C ALA B 214 -21.75 -44.10 17.98
N GLN B 215 -21.36 -42.99 17.32
CA GLN B 215 -20.03 -42.91 16.74
C GLN B 215 -18.95 -43.09 17.80
N ILE B 216 -19.20 -42.62 19.02
CA ILE B 216 -18.25 -42.80 20.11
C ILE B 216 -18.04 -44.29 20.39
N ALA B 217 -19.14 -45.03 20.54
CA ALA B 217 -19.04 -46.44 20.94
C ALA B 217 -18.29 -47.26 19.90
N ARG B 218 -18.27 -46.83 18.65
CA ARG B 218 -17.47 -47.51 17.63
C ARG B 218 -15.99 -47.15 17.76
N LEU B 219 -15.69 -45.88 18.02
CA LEU B 219 -14.31 -45.40 18.02
C LEU B 219 -13.58 -45.68 19.33
N ALA B 220 -14.29 -46.06 20.39
CA ALA B 220 -13.68 -46.37 21.67
C ALA B 220 -13.17 -47.81 21.75
N VAL B 221 -13.16 -48.53 20.64
CA VAL B 221 -12.74 -49.94 20.62
C VAL B 221 -11.36 -50.11 20.02
N PRO B 222 -11.03 -49.49 18.84
CA PRO B 222 -9.75 -49.82 18.17
C PRO B 222 -8.47 -49.67 18.99
N ALA B 223 -8.58 -49.18 20.23
CA ALA B 223 -7.46 -49.09 21.17
C ALA B 223 -6.37 -48.10 20.74
N ALA C 24 32.23 31.40 -29.37
CA ALA C 24 31.68 30.73 -28.21
C ALA C 24 30.54 29.80 -28.60
N ASN C 25 30.55 28.60 -28.03
CA ASN C 25 29.50 27.60 -28.29
C ASN C 25 28.41 27.77 -27.24
N VAL C 26 27.29 28.35 -27.65
CA VAL C 26 26.14 28.54 -26.76
C VAL C 26 25.17 27.40 -26.97
N LEU C 27 24.52 26.99 -25.88
CA LEU C 27 23.41 26.04 -25.91
C LEU C 27 22.20 26.75 -25.31
N VAL C 28 21.13 26.83 -26.09
CA VAL C 28 19.96 27.62 -25.74
C VAL C 28 18.77 26.69 -25.57
N LEU C 29 18.08 26.81 -24.44
CA LEU C 29 16.92 26.00 -24.13
C LEU C 29 15.70 26.89 -23.94
N LYS C 30 14.63 26.60 -24.66
CA LYS C 30 13.36 27.28 -24.52
C LYS C 30 12.32 26.27 -24.06
N SER C 31 11.58 26.60 -23.00
CA SER C 31 10.60 25.68 -22.44
C SER C 31 9.22 26.30 -22.27
N SER C 32 8.94 27.44 -22.89
CA SER C 32 7.64 28.08 -22.76
C SER C 32 6.59 27.38 -23.61
N ILE C 33 5.34 27.45 -23.16
CA ILE C 33 4.22 26.90 -23.92
C ILE C 33 3.44 27.98 -24.65
N ASN C 34 3.95 29.21 -24.70
CA ASN C 34 3.22 30.33 -25.28
C ASN C 34 3.61 30.62 -26.73
N GLY C 35 4.34 29.70 -27.38
CA GLY C 35 4.60 29.80 -28.80
C GLY C 35 5.36 31.07 -29.17
N GLU C 36 4.91 31.70 -30.25
CA GLU C 36 5.51 32.95 -30.71
C GLU C 36 5.29 34.08 -29.70
N THR C 37 4.28 33.97 -28.84
CA THR C 37 3.98 34.99 -27.85
C THR C 37 4.91 34.97 -26.65
N SER C 38 5.77 33.95 -26.54
CA SER C 38 6.54 33.74 -25.32
C SER C 38 7.45 34.93 -25.02
N LEU C 39 7.44 35.36 -23.76
CA LEU C 39 8.31 36.46 -23.36
C LEU C 39 9.75 35.99 -23.15
N THR C 40 9.94 34.86 -22.47
CA THR C 40 11.30 34.38 -22.23
C THR C 40 12.01 34.00 -23.52
N ASN C 41 11.26 33.49 -24.51
CA ASN C 41 11.85 33.25 -25.83
C ASN C 41 12.27 34.57 -26.47
N GLN C 42 11.42 35.60 -26.33
CA GLN C 42 11.78 36.93 -26.83
C GLN C 42 13.04 37.46 -26.15
N LEU C 43 13.05 37.46 -24.82
CA LEU C 43 14.18 38.02 -24.10
C LEU C 43 15.45 37.19 -24.29
N ILE C 44 15.32 35.90 -24.59
CA ILE C 44 16.48 35.09 -24.94
C ILE C 44 17.09 35.62 -26.24
N ASN C 45 16.25 35.84 -27.25
CA ASN C 45 16.75 36.36 -28.52
C ASN C 45 17.27 37.78 -28.39
N GLU C 46 16.69 38.58 -27.50
CA GLU C 46 17.23 39.91 -27.22
C GLU C 46 18.61 39.80 -26.59
N PHE C 47 18.82 38.82 -25.72
CA PHE C 47 20.13 38.61 -25.12
C PHE C 47 21.13 38.14 -26.17
N LEU C 48 20.75 37.17 -27.00
CA LEU C 48 21.66 36.67 -28.02
C LEU C 48 22.07 37.77 -28.99
N ALA C 49 21.12 38.64 -29.36
CA ALA C 49 21.43 39.72 -30.28
C ALA C 49 22.34 40.76 -29.63
N ALA C 50 22.13 41.04 -28.33
CA ALA C 50 22.96 42.00 -27.63
C ALA C 50 24.42 41.54 -27.59
N ARG C 51 24.64 40.24 -27.41
CA ARG C 51 26.01 39.73 -27.45
C ARG C 51 26.64 39.98 -28.80
N GLN C 52 25.89 39.77 -29.89
CA GLN C 52 26.41 40.08 -31.22
C GLN C 52 26.74 41.56 -31.33
N ALA C 53 25.90 42.43 -30.77
CA ALA C 53 26.20 43.85 -30.75
C ALA C 53 27.47 44.13 -29.95
N ALA C 54 27.71 43.36 -28.90
CA ALA C 54 28.91 43.49 -28.08
C ALA C 54 30.10 42.73 -28.66
N GLY C 55 29.99 42.22 -29.89
CA GLY C 55 31.13 41.60 -30.54
C GLY C 55 31.36 40.15 -30.21
N HIS C 56 30.36 39.45 -29.68
CA HIS C 56 30.47 38.03 -29.37
C HIS C 56 29.89 37.23 -30.54
N GLY C 57 30.76 36.50 -31.25
CA GLY C 57 30.31 35.64 -32.33
C GLY C 57 29.90 34.28 -31.80
N ASP C 58 28.59 34.04 -31.73
CA ASP C 58 28.05 32.86 -31.10
C ASP C 58 27.60 31.83 -32.13
N ARG C 59 27.92 30.57 -31.86
CA ARG C 59 27.42 29.43 -32.63
C ARG C 59 26.37 28.73 -31.78
N LEU C 60 25.13 28.75 -32.25
CA LEU C 60 23.98 28.36 -31.44
C LEU C 60 23.61 26.91 -31.66
N ILE C 61 23.25 26.23 -30.57
CA ILE C 61 22.44 25.02 -30.60
C ILE C 61 21.18 25.34 -29.80
N GLU C 62 20.06 25.52 -30.51
CA GLU C 62 18.80 25.93 -29.90
C GLU C 62 17.85 24.74 -29.81
N HIS C 63 17.18 24.61 -28.67
CA HIS C 63 16.27 23.50 -28.41
C HIS C 63 14.92 24.08 -27.97
N ASP C 64 13.89 23.82 -28.75
CA ASP C 64 12.51 24.22 -28.42
C ASP C 64 11.87 23.07 -27.66
N LEU C 65 12.07 23.06 -26.34
CA LEU C 65 11.60 21.95 -25.51
C LEU C 65 10.10 21.73 -25.64
N SER C 66 9.36 22.78 -26.02
CA SER C 66 7.92 22.63 -26.20
C SER C 66 7.58 21.60 -27.26
N ALA C 67 8.32 21.60 -28.37
CA ALA C 67 8.01 20.73 -29.50
C ALA C 67 8.73 19.39 -29.43
N MET C 68 9.86 19.29 -28.71
CA MET C 68 10.60 18.04 -28.68
C MET C 68 9.79 16.90 -28.08
N ALA C 69 8.86 17.21 -27.18
CA ALA C 69 8.07 16.21 -26.47
C ALA C 69 8.98 15.14 -25.85
N LEU C 70 9.80 15.59 -24.92
CA LEU C 70 10.76 14.70 -24.28
C LEU C 70 10.04 13.62 -23.47
N PRO C 71 10.65 12.45 -23.31
CA PRO C 71 10.03 11.41 -22.48
C PRO C 71 10.19 11.67 -20.99
N THR C 72 9.20 11.19 -20.23
CA THR C 72 9.20 11.33 -18.78
C THR C 72 10.08 10.25 -18.15
N LEU C 73 10.68 10.59 -17.01
CA LEU C 73 11.55 9.67 -16.29
C LEU C 73 10.69 8.68 -15.49
N ASP C 74 10.77 7.41 -15.84
CA ASP C 74 10.09 6.33 -15.12
C ASP C 74 11.11 5.29 -14.67
N ARG C 75 10.62 4.22 -14.04
CA ARG C 75 11.50 3.15 -13.57
C ARG C 75 12.35 2.55 -14.68
N PRO C 76 11.79 2.02 -15.77
CA PRO C 76 12.63 1.27 -16.72
C PRO C 76 13.69 2.14 -17.41
N LEU C 77 13.43 3.42 -17.60
CA LEU C 77 14.39 4.31 -18.24
C LEU C 77 15.42 4.84 -17.25
N PHE C 78 15.02 5.06 -15.99
CA PHE C 78 15.98 5.46 -14.97
C PHE C 78 17.03 4.39 -14.76
N ALA C 79 16.63 3.11 -14.86
CA ALA C 79 17.62 2.03 -14.82
C ALA C 79 18.48 2.03 -16.08
N ALA C 80 17.84 2.15 -17.25
CA ALA C 80 18.60 2.20 -18.50
C ALA C 80 19.54 3.40 -18.53
N LEU C 81 19.13 4.52 -17.94
CA LEU C 81 20.01 5.68 -17.88
C LEU C 81 21.15 5.47 -16.89
N ARG C 82 20.93 4.63 -15.87
CA ARG C 82 21.96 4.32 -14.89
C ARG C 82 22.86 3.16 -15.34
N GLY C 83 22.82 2.80 -16.62
CA GLY C 83 23.74 1.83 -17.18
C GLY C 83 23.15 0.47 -17.48
N ALA C 84 21.84 0.29 -17.42
CA ALA C 84 21.23 -1.00 -17.63
C ALA C 84 20.91 -1.22 -19.11
N VAL C 85 20.67 -2.47 -19.46
CA VAL C 85 20.38 -2.86 -20.84
C VAL C 85 18.87 -3.09 -20.97
N ASP C 86 18.20 -2.19 -21.67
CA ASP C 86 16.78 -2.33 -22.00
C ASP C 86 16.66 -2.33 -23.51
N PRO C 87 16.43 -3.50 -24.13
CA PRO C 87 16.34 -3.54 -25.60
C PRO C 87 15.06 -2.93 -26.15
N GLN C 88 14.16 -2.47 -25.30
CA GLN C 88 12.91 -1.89 -25.77
C GLN C 88 13.19 -0.72 -26.71
N PRO C 89 12.44 -0.61 -27.81
CA PRO C 89 12.77 0.45 -28.79
C PRO C 89 12.70 1.84 -28.20
N ALA C 90 11.56 2.20 -27.60
CA ALA C 90 11.38 3.55 -27.09
C ALA C 90 12.46 3.94 -26.10
N ILE C 91 12.85 3.01 -25.22
CA ILE C 91 13.79 3.34 -24.17
C ILE C 91 15.23 3.39 -24.69
N ARG C 92 15.54 2.64 -25.75
CA ARG C 92 16.87 2.74 -26.36
C ARG C 92 17.04 4.08 -27.07
N GLU C 93 15.99 4.56 -27.74
CA GLU C 93 16.04 5.88 -28.37
C GLU C 93 16.08 7.00 -27.34
N ALA C 94 15.59 6.77 -26.12
CA ALA C 94 15.63 7.81 -25.10
C ALA C 94 17.00 7.93 -24.46
N VAL C 95 17.73 6.82 -24.33
CA VAL C 95 19.10 6.90 -23.82
C VAL C 95 20.01 7.58 -24.83
N ALA C 96 19.85 7.25 -26.12
CA ALA C 96 20.61 7.92 -27.16
C ALA C 96 20.32 9.42 -27.16
N LEU C 97 19.08 9.79 -26.88
CA LEU C 97 18.73 11.21 -26.75
C LEU C 97 19.47 11.85 -25.59
N SER C 98 19.47 11.17 -24.43
CA SER C 98 20.12 11.73 -23.25
C SER C 98 21.62 11.91 -23.47
N ASP C 99 22.26 10.92 -24.10
CA ASP C 99 23.66 11.07 -24.47
C ASP C 99 23.84 12.21 -25.45
N GLN C 100 22.95 12.32 -26.44
CA GLN C 100 23.01 13.41 -27.41
C GLN C 100 22.92 14.76 -26.71
N LEU C 101 21.99 14.89 -25.75
CA LEU C 101 21.82 16.15 -25.04
C LEU C 101 22.97 16.43 -24.09
N ILE C 102 23.67 15.40 -23.61
CA ILE C 102 24.78 15.62 -22.71
C ILE C 102 26.02 16.08 -23.47
N ALA C 103 26.32 15.44 -24.61
CA ALA C 103 27.46 15.84 -25.41
C ALA C 103 27.33 17.29 -25.87
N GLU C 104 26.11 17.72 -26.18
CA GLU C 104 25.88 19.14 -26.47
C GLU C 104 26.23 20.00 -25.27
N LEU C 105 25.70 19.65 -24.09
CA LEU C 105 25.97 20.43 -22.89
C LEU C 105 27.46 20.48 -22.58
N LYS C 106 28.16 19.35 -22.72
CA LYS C 106 29.57 19.31 -22.37
C LYS C 106 30.43 20.11 -23.34
N ALA C 107 30.08 20.10 -24.63
CA ALA C 107 30.86 20.82 -25.63
C ALA C 107 30.58 22.31 -25.68
N SER C 108 29.55 22.77 -24.97
CA SER C 108 29.16 24.18 -25.03
C SER C 108 29.99 25.01 -24.05
N ASP C 109 29.97 26.33 -24.28
CA ASP C 109 30.58 27.29 -23.38
C ASP C 109 29.56 27.96 -22.46
N LEU C 110 28.40 28.34 -23.01
CA LEU C 110 27.39 29.08 -22.29
C LEU C 110 26.04 28.39 -22.46
N LEU C 111 25.24 28.38 -21.40
CA LEU C 111 23.94 27.71 -21.38
C LEU C 111 22.86 28.74 -21.06
N VAL C 112 22.00 29.03 -22.02
CA VAL C 112 20.92 29.99 -21.86
C VAL C 112 19.62 29.21 -21.75
N ILE C 113 18.91 29.39 -20.62
CA ILE C 113 17.76 28.57 -20.27
C ILE C 113 16.54 29.48 -20.12
N GLY C 114 15.52 29.24 -20.94
CA GLY C 114 14.27 29.93 -20.79
C GLY C 114 13.36 29.23 -19.79
N ALA C 115 13.09 29.87 -18.66
CA ALA C 115 12.40 29.23 -17.55
C ALA C 115 11.43 30.20 -16.89
N PRO C 116 10.25 30.39 -17.45
CA PRO C 116 9.22 31.18 -16.77
C PRO C 116 8.52 30.38 -15.70
N MET C 117 8.13 31.07 -14.63
CA MET C 117 7.45 30.42 -13.51
C MET C 117 6.08 29.89 -13.94
N TYR C 118 5.90 28.58 -13.87
CA TYR C 118 4.62 27.93 -14.14
C TYR C 118 4.16 27.25 -12.85
N ASN C 119 3.18 27.86 -12.18
CA ASN C 119 2.64 27.33 -10.93
C ASN C 119 3.73 27.14 -9.88
N LEU C 120 4.61 28.14 -9.78
CA LEU C 120 5.71 28.19 -8.83
C LEU C 120 6.78 27.13 -9.07
N ASN C 121 6.81 26.56 -10.27
CA ASN C 121 7.88 25.69 -10.72
C ASN C 121 8.26 26.11 -12.14
N VAL C 122 9.30 25.49 -12.69
CA VAL C 122 9.71 25.74 -14.07
C VAL C 122 8.70 25.05 -14.97
N PRO C 123 8.68 25.32 -16.28
CA PRO C 123 7.80 24.54 -17.16
C PRO C 123 8.23 23.09 -17.22
N THR C 124 7.22 22.21 -17.25
CA THR C 124 7.47 20.77 -17.18
C THR C 124 8.48 20.29 -18.22
N ASP C 125 8.48 20.91 -19.41
CA ASP C 125 9.42 20.49 -20.44
C ASP C 125 10.86 20.83 -20.08
N LEU C 126 11.08 21.85 -19.24
CA LEU C 126 12.43 22.12 -18.77
C LEU C 126 12.86 21.09 -17.73
N LYS C 127 11.96 20.74 -16.81
CA LYS C 127 12.26 19.69 -15.85
C LYS C 127 12.51 18.35 -16.54
N LYS C 128 11.88 18.13 -17.69
CA LYS C 128 12.12 16.89 -18.44
C LYS C 128 13.54 16.82 -18.95
N TRP C 129 14.05 17.92 -19.51
CA TRP C 129 15.42 17.95 -20.02
C TRP C 129 16.42 17.65 -18.90
N PHE C 130 16.16 18.16 -17.69
CA PHE C 130 17.10 17.99 -16.60
C PHE C 130 17.15 16.55 -16.11
N ASP C 131 16.00 15.88 -16.09
CA ASP C 131 15.98 14.47 -15.69
C ASP C 131 16.74 13.59 -16.67
N LEU C 132 16.80 14.00 -17.94
CA LEU C 132 17.56 13.25 -18.93
C LEU C 132 19.04 13.62 -18.93
N VAL C 133 19.39 14.74 -18.31
CA VAL C 133 20.74 15.30 -18.41
C VAL C 133 21.51 15.12 -17.10
N ALA C 134 20.85 15.32 -15.96
CA ALA C 134 21.46 15.06 -14.66
C ALA C 134 21.53 13.54 -14.47
N ARG C 135 22.59 12.96 -15.04
CA ARG C 135 22.78 11.52 -15.12
C ARG C 135 24.00 11.13 -14.32
N ALA C 136 23.91 9.97 -13.66
CA ALA C 136 25.02 9.47 -12.86
C ALA C 136 26.12 8.95 -13.77
N ARG C 137 27.36 9.12 -13.33
CA ARG C 137 28.56 8.70 -14.06
C ARG C 137 28.67 9.37 -15.43
N GLU C 138 27.89 10.43 -15.66
CA GLU C 138 27.89 11.16 -16.92
C GLU C 138 28.13 12.65 -16.67
N THR C 139 27.17 13.32 -16.03
CA THR C 139 27.31 14.72 -15.66
C THR C 139 27.50 14.93 -14.17
N PHE C 140 27.44 13.87 -13.36
CA PHE C 140 27.78 13.95 -11.95
C PHE C 140 28.11 12.56 -11.44
N ARG C 141 28.80 12.53 -10.30
CA ARG C 141 29.26 11.29 -9.67
C ARG C 141 29.03 11.42 -8.17
N TYR C 142 28.24 10.51 -7.61
CA TYR C 142 27.85 10.58 -6.20
C TYR C 142 28.30 9.34 -5.46
N THR C 143 28.78 9.55 -4.23
CA THR C 143 29.27 8.47 -3.38
C THR C 143 28.67 8.58 -1.98
N GLU C 144 28.80 9.75 -1.35
CA GLU C 144 28.33 9.94 0.02
C GLU C 144 27.12 10.86 0.06
N SER C 145 27.36 12.17 0.02
CA SER C 145 26.26 13.13 0.07
C SER C 145 26.19 13.95 -1.21
N TRP C 146 26.94 15.05 -1.29
CA TRP C 146 26.80 15.94 -2.44
C TRP C 146 27.75 15.51 -3.56
N PRO C 147 27.25 15.30 -4.77
CA PRO C 147 28.09 14.69 -5.81
C PRO C 147 29.05 15.69 -6.43
N GLN C 148 29.86 15.16 -7.35
CA GLN C 148 30.91 15.88 -8.05
C GLN C 148 30.48 16.04 -9.50
N GLY C 149 30.26 17.28 -9.92
CA GLY C 149 29.84 17.52 -11.29
C GLY C 149 30.95 17.26 -12.28
N LEU C 150 30.56 16.78 -13.47
CA LEU C 150 31.50 16.36 -14.49
C LEU C 150 31.51 17.29 -15.71
N VAL C 151 30.89 18.46 -15.63
CA VAL C 151 30.76 19.38 -16.75
C VAL C 151 31.68 20.57 -16.49
N GLU C 152 32.77 20.66 -17.26
CA GLU C 152 33.75 21.71 -17.07
C GLU C 152 33.47 22.90 -17.97
N GLY C 153 33.83 24.09 -17.48
CA GLY C 153 33.78 25.31 -18.25
C GLY C 153 32.44 25.63 -18.91
N VAL C 154 31.42 25.89 -18.10
CA VAL C 154 30.09 26.22 -18.60
C VAL C 154 29.47 27.27 -17.68
N ARG C 155 29.08 28.40 -18.23
CA ARG C 155 28.26 29.39 -17.53
C ARG C 155 26.80 29.21 -17.91
N ALA C 156 25.93 29.76 -17.07
CA ALA C 156 24.49 29.69 -17.29
C ALA C 156 23.87 31.07 -17.14
N VAL C 157 23.00 31.42 -18.09
CA VAL C 157 22.14 32.59 -17.99
C VAL C 157 20.70 32.09 -18.05
N VAL C 158 19.87 32.58 -17.14
CA VAL C 158 18.50 32.09 -16.97
C VAL C 158 17.55 33.27 -17.13
N VAL C 159 16.79 33.29 -18.22
CA VAL C 159 15.77 34.31 -18.46
C VAL C 159 14.46 33.76 -17.92
N SER C 160 13.99 34.34 -16.80
CA SER C 160 12.83 33.84 -16.08
C SER C 160 11.89 35.00 -15.80
N SER C 161 10.68 34.92 -16.35
CA SER C 161 9.66 35.95 -16.15
C SER C 161 8.56 35.43 -15.24
N ARG C 162 7.92 36.36 -14.54
CA ARG C 162 6.95 36.01 -13.50
C ARG C 162 5.85 37.07 -13.46
N GLY C 163 4.60 36.65 -13.49
CA GLY C 163 3.50 37.61 -13.39
C GLY C 163 3.33 38.18 -12.00
N GLY C 164 4.26 37.85 -11.09
CA GLY C 164 4.18 38.33 -9.69
C GLY C 164 5.53 38.71 -9.11
N ILE C 165 5.58 39.14 -7.85
CA ILE C 165 6.87 39.59 -7.26
C ILE C 165 7.44 38.47 -6.36
N HIS C 166 8.34 37.66 -6.93
CA HIS C 166 8.96 36.54 -6.20
C HIS C 166 10.46 36.58 -6.45
N GLN C 167 11.18 37.38 -5.67
CA GLN C 167 12.66 37.40 -5.77
C GLN C 167 13.19 37.55 -4.36
N GLY C 168 14.05 36.63 -3.92
CA GLY C 168 14.47 36.59 -2.53
C GLY C 168 13.33 36.23 -1.60
N GLU C 169 12.43 35.36 -2.05
CA GLU C 169 11.21 35.07 -1.34
C GLU C 169 11.04 33.56 -1.16
N THR C 170 10.24 33.19 -0.15
CA THR C 170 9.88 31.79 0.07
C THR C 170 8.89 31.28 -0.97
N THR C 171 8.50 32.11 -1.94
CA THR C 171 7.65 31.70 -3.04
C THR C 171 8.40 31.60 -4.36
N ASP C 172 9.70 31.86 -4.36
CA ASP C 172 10.54 31.68 -5.54
C ASP C 172 11.35 30.41 -5.33
N ALA C 173 10.92 29.32 -5.97
CA ALA C 173 11.68 28.07 -5.96
C ALA C 173 12.38 27.81 -7.27
N VAL C 174 12.02 28.53 -8.34
CA VAL C 174 12.70 28.40 -9.62
C VAL C 174 14.18 28.74 -9.47
N THR C 175 14.49 29.83 -8.76
CA THR C 175 15.88 30.22 -8.58
C THR C 175 16.65 29.22 -7.73
N PRO C 176 16.20 28.85 -6.51
CA PRO C 176 16.93 27.82 -5.77
C PRO C 176 17.09 26.51 -6.51
N TYR C 177 16.04 26.06 -7.21
CA TYR C 177 16.10 24.79 -7.92
C TYR C 177 17.16 24.80 -9.02
N LEU C 178 17.19 25.88 -9.81
CA LEU C 178 18.09 25.90 -10.96
C LEU C 178 19.55 26.05 -10.54
N ARG C 179 19.81 26.86 -9.51
CA ARG C 179 21.16 26.92 -8.95
C ARG C 179 21.61 25.56 -8.44
N ALA C 180 20.68 24.80 -7.83
CA ALA C 180 21.04 23.53 -7.24
C ALA C 180 21.19 22.42 -8.28
N VAL C 181 20.27 22.35 -9.25
CA VAL C 181 20.32 21.26 -10.22
C VAL C 181 21.44 21.51 -11.24
N LEU C 182 21.77 22.77 -11.51
CA LEU C 182 22.91 23.05 -12.37
C LEU C 182 24.22 22.93 -11.62
N GLY C 183 24.24 23.35 -10.35
CA GLY C 183 25.43 23.17 -9.53
C GLY C 183 25.76 21.71 -9.31
N LEU C 184 24.75 20.84 -9.34
CA LEU C 184 24.98 19.40 -9.25
C LEU C 184 25.92 18.92 -10.35
N MET C 185 25.85 19.54 -11.52
CA MET C 185 26.66 19.14 -12.67
C MET C 185 27.94 19.94 -12.80
N GLY C 186 28.31 20.72 -11.77
CA GLY C 186 29.50 21.52 -11.81
C GLY C 186 29.31 22.94 -12.31
N ILE C 187 28.15 23.26 -12.89
CA ILE C 187 27.86 24.61 -13.37
C ILE C 187 27.56 25.48 -12.16
N GLN C 188 28.56 26.22 -11.68
CA GLN C 188 28.43 26.98 -10.45
C GLN C 188 28.22 28.47 -10.68
N GLU C 189 28.49 28.97 -11.89
CA GLU C 189 28.26 30.38 -12.24
C GLU C 189 26.95 30.45 -13.01
N VAL C 190 25.90 30.92 -12.35
CA VAL C 190 24.58 31.07 -12.95
C VAL C 190 24.12 32.50 -12.72
N GLU C 191 23.69 33.17 -13.78
CA GLU C 191 23.16 34.52 -13.70
C GLU C 191 21.70 34.51 -14.16
N PHE C 192 20.88 35.34 -13.50
CA PHE C 192 19.45 35.37 -13.75
C PHE C 192 19.05 36.73 -14.32
N ILE C 193 18.20 36.70 -15.36
CA ILE C 193 17.53 37.88 -15.88
C ILE C 193 16.06 37.76 -15.52
N TYR C 194 15.56 38.67 -14.69
CA TYR C 194 14.21 38.60 -14.17
C TYR C 194 13.30 39.59 -14.88
N ALA C 195 12.05 39.18 -15.08
CA ALA C 195 10.99 40.02 -15.64
C ALA C 195 9.74 39.77 -14.79
N GLU C 196 9.57 40.57 -13.74
CA GLU C 196 8.59 40.30 -12.70
C GLU C 196 7.44 41.30 -12.76
N GLY C 197 6.37 40.96 -12.04
CA GLY C 197 5.21 41.82 -11.92
C GLY C 197 4.45 42.08 -13.19
N LEU C 198 4.57 41.20 -14.19
CA LEU C 198 3.97 41.44 -15.49
C LEU C 198 2.45 41.51 -15.44
N ASP C 199 1.82 41.14 -14.33
CA ASP C 199 0.38 41.16 -14.20
C ASP C 199 -0.12 42.33 -13.35
N ASN C 200 0.73 43.34 -13.13
CA ASN C 200 0.26 44.54 -12.40
C ASN C 200 -0.65 45.33 -13.35
N ARG C 201 -1.84 45.71 -12.90
CA ARG C 201 -2.85 46.39 -13.76
C ARG C 201 -2.24 47.48 -14.67
N PRO C 202 -1.53 48.52 -14.20
CA PRO C 202 -1.06 49.62 -15.08
C PRO C 202 0.13 49.28 -15.98
N HIS C 203 1.36 49.51 -15.52
CA HIS C 203 2.56 49.31 -16.36
C HIS C 203 3.45 48.24 -15.75
N GLY C 204 2.86 47.21 -15.15
CA GLY C 204 3.61 46.09 -14.59
C GLY C 204 4.41 45.34 -15.64
N ARG C 205 3.79 45.07 -16.79
CA ARG C 205 4.49 44.37 -17.85
C ARG C 205 5.68 45.18 -18.36
N ASP C 206 5.45 46.45 -18.69
CA ASP C 206 6.50 47.27 -19.29
C ASP C 206 7.66 47.47 -18.32
N ALA C 207 7.36 47.80 -17.07
CA ALA C 207 8.42 47.99 -16.08
C ALA C 207 9.21 46.71 -15.89
N GLY C 208 8.54 45.55 -15.95
CA GLY C 208 9.25 44.28 -15.82
C GLY C 208 10.13 43.98 -17.02
N ILE C 209 9.64 44.26 -18.22
CA ILE C 209 10.45 44.06 -19.43
C ILE C 209 11.61 45.05 -19.46
N ALA C 210 11.43 46.23 -18.86
CA ALA C 210 12.52 47.19 -18.81
C ALA C 210 13.60 46.74 -17.83
N SER C 211 13.17 46.30 -16.64
CA SER C 211 14.13 45.76 -15.68
C SER C 211 14.93 44.63 -16.30
N ALA C 212 14.30 43.81 -17.13
CA ALA C 212 15.00 42.78 -17.89
C ALA C 212 16.01 43.43 -18.83
N ARG C 213 15.51 44.21 -19.81
CA ARG C 213 16.36 44.76 -20.86
C ARG C 213 17.57 45.50 -20.31
N ALA C 214 17.45 46.08 -19.11
CA ALA C 214 18.62 46.63 -18.45
C ALA C 214 19.60 45.53 -18.04
N GLN C 215 19.09 44.42 -17.52
CA GLN C 215 19.96 43.32 -17.12
C GLN C 215 20.68 42.71 -18.31
N ILE C 216 19.98 42.55 -19.44
CA ILE C 216 20.61 42.00 -20.64
C ILE C 216 21.81 42.85 -21.05
N ALA C 217 21.57 44.16 -21.26
CA ALA C 217 22.63 45.05 -21.72
C ALA C 217 23.80 45.09 -20.76
N ARG C 218 23.60 44.71 -19.49
CA ARG C 218 24.71 44.63 -18.55
C ARG C 218 25.42 43.28 -18.67
N LEU C 219 24.66 42.18 -18.65
CA LEU C 219 25.24 40.84 -18.68
C LEU C 219 25.64 40.39 -20.08
N ALA C 220 25.34 41.16 -21.12
CA ALA C 220 25.79 40.84 -22.48
C ALA C 220 27.18 41.37 -22.78
N VAL C 221 27.87 41.91 -21.78
CA VAL C 221 29.20 42.46 -21.96
C VAL C 221 30.28 41.41 -21.70
N PRO C 222 30.23 40.61 -20.57
CA PRO C 222 31.33 39.70 -20.21
C PRO C 222 32.08 39.01 -21.35
N ALA C 223 31.69 37.78 -21.68
CA ALA C 223 32.37 37.01 -22.72
C ALA C 223 31.62 35.73 -23.04
N MET D 23 -14.06 9.80 9.79
CA MET D 23 -13.89 11.06 10.50
C MET D 23 -12.98 12.02 9.72
N ALA D 24 -12.49 11.56 8.58
CA ALA D 24 -11.63 12.39 7.73
C ALA D 24 -11.60 11.80 6.32
N ASN D 25 -11.76 12.68 5.32
CA ASN D 25 -11.52 12.31 3.93
C ASN D 25 -10.05 12.58 3.60
N VAL D 26 -9.35 11.56 3.13
CA VAL D 26 -7.91 11.63 2.92
C VAL D 26 -7.62 11.40 1.44
N LEU D 27 -6.91 12.34 0.82
CA LEU D 27 -6.45 12.22 -0.56
C LEU D 27 -4.96 11.92 -0.54
N VAL D 28 -4.57 10.81 -1.15
CA VAL D 28 -3.19 10.33 -1.10
C VAL D 28 -2.62 10.36 -2.51
N LEU D 29 -1.53 11.09 -2.68
CA LEU D 29 -0.83 11.19 -3.97
C LEU D 29 0.53 10.51 -3.83
N LYS D 30 0.84 9.63 -4.79
CA LYS D 30 2.11 8.94 -4.86
C LYS D 30 2.75 9.23 -6.21
N SER D 31 3.96 9.79 -6.19
CA SER D 31 4.65 10.15 -7.41
C SER D 31 5.97 9.41 -7.59
N SER D 32 6.38 8.60 -6.63
CA SER D 32 7.65 7.90 -6.72
C SER D 32 7.64 6.92 -7.89
N ILE D 33 8.79 6.80 -8.55
CA ILE D 33 8.96 5.87 -9.64
C ILE D 33 9.59 4.55 -9.18
N ASN D 34 9.73 4.35 -7.87
CA ASN D 34 10.39 3.16 -7.35
C ASN D 34 9.43 2.02 -7.03
N GLY D 35 8.15 2.18 -7.34
CA GLY D 35 7.21 1.06 -7.32
C GLY D 35 7.03 0.47 -5.93
N GLU D 36 7.20 -0.85 -5.85
CA GLU D 36 7.05 -1.57 -4.59
C GLU D 36 8.22 -1.33 -3.65
N THR D 37 9.36 -0.86 -4.17
CA THR D 37 10.50 -0.53 -3.32
C THR D 37 10.36 0.85 -2.70
N SER D 38 9.50 1.71 -3.25
CA SER D 38 9.49 3.12 -2.91
C SER D 38 9.37 3.34 -1.41
N LEU D 39 10.11 4.33 -0.92
CA LEU D 39 10.14 4.65 0.51
C LEU D 39 9.08 5.67 0.89
N THR D 40 8.86 6.69 0.07
CA THR D 40 7.80 7.65 0.36
C THR D 40 6.44 6.95 0.42
N ASN D 41 6.21 5.99 -0.46
CA ASN D 41 4.98 5.21 -0.38
C ASN D 41 4.91 4.42 0.93
N GLN D 42 6.01 3.76 1.29
CA GLN D 42 6.04 2.99 2.54
C GLN D 42 5.83 3.88 3.75
N LEU D 43 6.32 5.12 3.70
CA LEU D 43 6.16 6.02 4.83
C LEU D 43 4.77 6.66 4.85
N ILE D 44 4.13 6.82 3.68
CA ILE D 44 2.73 7.21 3.66
C ILE D 44 1.88 6.15 4.33
N ASN D 45 2.15 4.88 4.03
CA ASN D 45 1.39 3.79 4.63
C ASN D 45 1.54 3.78 6.15
N GLU D 46 2.78 3.95 6.64
CA GLU D 46 3.01 3.97 8.08
C GLU D 46 2.32 5.15 8.74
N PHE D 47 2.33 6.32 8.06
CA PHE D 47 1.62 7.48 8.59
C PHE D 47 0.11 7.23 8.60
N LEU D 48 -0.41 6.53 7.58
CA LEU D 48 -1.81 6.13 7.60
C LEU D 48 -2.09 5.18 8.75
N ALA D 49 -1.26 4.15 8.91
CA ALA D 49 -1.43 3.19 10.00
C ALA D 49 -1.38 3.88 11.36
N ALA D 50 -0.43 4.81 11.53
CA ALA D 50 -0.32 5.52 12.79
C ALA D 50 -1.55 6.40 13.05
N ARG D 51 -2.21 6.87 11.98
CA ARG D 51 -3.43 7.64 12.15
C ARG D 51 -4.56 6.75 12.67
N GLN D 52 -4.62 5.50 12.21
CA GLN D 52 -5.63 4.57 12.71
C GLN D 52 -5.38 4.22 14.17
N ALA D 53 -4.14 3.90 14.51
CA ALA D 53 -3.79 3.63 15.90
C ALA D 53 -4.12 4.83 16.78
N ALA D 54 -3.98 6.05 16.27
CA ALA D 54 -4.37 7.27 16.96
C ALA D 54 -5.88 7.47 16.99
N GLY D 55 -6.66 6.49 16.54
CA GLY D 55 -8.10 6.59 16.59
C GLY D 55 -8.73 7.45 15.52
N HIS D 56 -8.20 7.39 14.30
CA HIS D 56 -8.73 8.16 13.19
C HIS D 56 -9.14 7.21 12.06
N GLY D 57 -10.44 7.11 11.81
CA GLY D 57 -10.94 6.39 10.66
C GLY D 57 -10.86 7.25 9.42
N ASP D 58 -10.17 6.79 8.39
CA ASP D 58 -9.92 7.59 7.20
C ASP D 58 -10.48 6.89 5.96
N ARG D 59 -11.05 7.69 5.07
CA ARG D 59 -11.64 7.22 3.82
C ARG D 59 -10.72 7.70 2.70
N LEU D 60 -10.09 6.75 2.01
CA LEU D 60 -8.97 7.05 1.12
C LEU D 60 -9.42 7.18 -0.32
N ILE D 61 -8.77 8.12 -1.04
CA ILE D 61 -8.66 8.07 -2.48
C ILE D 61 -7.17 8.06 -2.80
N GLU D 62 -6.70 6.97 -3.41
CA GLU D 62 -5.28 6.77 -3.66
C GLU D 62 -5.02 6.91 -5.16
N HIS D 63 -4.14 7.84 -5.51
CA HIS D 63 -3.66 8.01 -6.87
C HIS D 63 -2.16 7.72 -6.89
N ASP D 64 -1.74 6.80 -7.75
CA ASP D 64 -0.33 6.60 -8.06
C ASP D 64 -0.09 7.35 -9.36
N LEU D 65 0.35 8.60 -9.24
CA LEU D 65 0.47 9.47 -10.40
C LEU D 65 1.49 8.94 -11.40
N SER D 66 2.47 8.15 -10.93
CA SER D 66 3.45 7.55 -11.82
C SER D 66 2.87 6.50 -12.75
N ALA D 67 1.63 6.08 -12.53
CA ALA D 67 1.00 5.05 -13.35
C ALA D 67 -0.10 5.58 -14.26
N MET D 68 -0.61 6.79 -14.01
CA MET D 68 -1.77 7.30 -14.73
C MET D 68 -1.42 7.93 -16.06
N ALA D 69 -0.13 8.16 -16.34
CA ALA D 69 0.31 8.81 -17.57
C ALA D 69 -0.39 10.16 -17.75
N LEU D 70 -0.28 11.00 -16.73
CA LEU D 70 -0.86 12.33 -16.73
C LEU D 70 -0.38 13.12 -17.94
N PRO D 71 -1.20 14.01 -18.49
CA PRO D 71 -0.77 14.79 -19.66
C PRO D 71 0.15 15.94 -19.26
N THR D 72 1.09 16.26 -20.15
CA THR D 72 1.94 17.41 -19.94
C THR D 72 1.20 18.67 -20.38
N LEU D 73 1.33 19.72 -19.57
CA LEU D 73 0.69 20.98 -19.88
C LEU D 73 1.30 21.60 -21.13
N ASP D 74 0.45 21.95 -22.09
CA ASP D 74 0.88 22.61 -23.32
C ASP D 74 -0.08 23.74 -23.64
N ARG D 75 0.19 24.45 -24.73
CA ARG D 75 -0.57 25.61 -25.20
C ARG D 75 -2.07 25.31 -25.27
N PRO D 76 -2.52 24.28 -26.00
CA PRO D 76 -3.98 24.08 -26.11
C PRO D 76 -4.64 23.68 -24.81
N LEU D 77 -4.04 22.75 -24.06
CA LEU D 77 -4.67 22.29 -22.83
C LEU D 77 -4.78 23.40 -21.80
N PHE D 78 -3.72 24.21 -21.63
CA PHE D 78 -3.78 25.30 -20.68
C PHE D 78 -4.87 26.31 -21.06
N ALA D 79 -5.04 26.55 -22.36
CA ALA D 79 -6.14 27.39 -22.82
C ALA D 79 -7.48 26.77 -22.44
N ALA D 80 -7.63 25.46 -22.68
CA ALA D 80 -8.86 24.78 -22.33
C ALA D 80 -9.10 24.81 -20.82
N LEU D 81 -8.03 24.64 -20.03
CA LEU D 81 -8.14 24.71 -18.59
C LEU D 81 -8.55 26.10 -18.13
N ARG D 82 -8.28 27.13 -18.92
CA ARG D 82 -8.57 28.51 -18.55
C ARG D 82 -9.92 28.98 -19.02
N GLY D 83 -10.47 28.39 -20.09
CA GLY D 83 -11.81 28.72 -20.52
C GLY D 83 -12.08 28.53 -22.00
N ALA D 84 -11.08 28.06 -22.74
CA ALA D 84 -11.23 27.93 -24.18
C ALA D 84 -12.17 26.80 -24.55
N VAL D 85 -13.06 27.08 -25.50
CA VAL D 85 -13.92 26.03 -26.05
C VAL D 85 -13.07 25.26 -27.05
N ASP D 86 -12.36 24.25 -26.55
CA ASP D 86 -11.52 23.42 -27.40
C ASP D 86 -12.26 22.13 -27.70
N PRO D 87 -12.69 21.89 -28.94
CA PRO D 87 -13.41 20.66 -29.25
C PRO D 87 -12.52 19.43 -29.38
N GLN D 88 -11.22 19.57 -29.18
CA GLN D 88 -10.30 18.47 -29.41
C GLN D 88 -10.59 17.34 -28.42
N PRO D 89 -10.82 16.10 -28.89
CA PRO D 89 -11.16 15.01 -27.97
C PRO D 89 -10.11 14.76 -26.89
N ALA D 90 -8.83 14.66 -27.25
CA ALA D 90 -7.81 14.39 -26.24
C ALA D 90 -7.67 15.56 -25.26
N ILE D 91 -7.95 16.78 -25.72
CA ILE D 91 -7.96 17.93 -24.82
C ILE D 91 -9.17 17.86 -23.88
N ARG D 92 -10.33 17.48 -24.42
CA ARG D 92 -11.52 17.34 -23.60
C ARG D 92 -11.32 16.26 -22.53
N GLU D 93 -10.60 15.20 -22.87
CA GLU D 93 -10.33 14.15 -21.89
C GLU D 93 -9.54 14.67 -20.70
N ALA D 94 -8.61 15.61 -20.95
CA ALA D 94 -7.76 16.10 -19.88
C ALA D 94 -8.51 17.07 -18.97
N VAL D 95 -9.41 17.87 -19.53
CA VAL D 95 -10.21 18.78 -18.71
C VAL D 95 -11.10 17.98 -17.77
N ALA D 96 -11.67 16.88 -18.25
CA ALA D 96 -12.43 15.99 -17.39
C ALA D 96 -11.55 15.44 -16.27
N LEU D 97 -10.33 15.02 -16.62
CA LEU D 97 -9.38 14.57 -15.60
C LEU D 97 -9.11 15.67 -14.57
N SER D 98 -8.90 16.91 -15.04
CA SER D 98 -8.61 18.00 -14.12
C SER D 98 -9.77 18.24 -13.16
N ASP D 99 -11.01 18.22 -13.68
CA ASP D 99 -12.16 18.45 -12.82
C ASP D 99 -12.35 17.31 -11.83
N GLN D 100 -11.97 16.09 -12.21
CA GLN D 100 -12.02 14.97 -11.27
C GLN D 100 -11.01 15.18 -10.13
N LEU D 101 -9.78 15.53 -10.48
CA LEU D 101 -8.75 15.71 -9.45
C LEU D 101 -9.06 16.91 -8.57
N ILE D 102 -9.62 17.98 -9.15
CA ILE D 102 -9.95 19.16 -8.38
C ILE D 102 -11.09 18.87 -7.41
N ALA D 103 -12.05 18.02 -7.84
CA ALA D 103 -13.19 17.70 -6.99
C ALA D 103 -12.76 16.86 -5.79
N GLU D 104 -11.83 15.92 -6.00
CA GLU D 104 -11.34 15.11 -4.88
C GLU D 104 -10.58 15.96 -3.88
N LEU D 105 -9.84 16.96 -4.35
CA LEU D 105 -9.10 17.84 -3.45
C LEU D 105 -10.03 18.65 -2.56
N LYS D 106 -11.11 19.18 -3.13
CA LYS D 106 -11.99 20.07 -2.37
C LYS D 106 -12.80 19.30 -1.33
N ALA D 107 -13.20 18.07 -1.63
CA ALA D 107 -13.94 17.25 -0.68
C ALA D 107 -13.06 16.68 0.43
N SER D 108 -11.74 16.84 0.33
CA SER D 108 -10.83 16.24 1.27
C SER D 108 -10.72 17.04 2.56
N ASP D 109 -10.19 16.39 3.59
CA ASP D 109 -9.73 17.05 4.81
C ASP D 109 -8.23 17.00 4.97
N LEU D 110 -7.58 15.96 4.46
CA LEU D 110 -6.15 15.77 4.61
C LEU D 110 -5.57 15.34 3.27
N LEU D 111 -4.62 16.12 2.76
CA LEU D 111 -3.86 15.77 1.57
C LEU D 111 -2.50 15.22 1.99
N VAL D 112 -2.16 14.03 1.49
CA VAL D 112 -0.92 13.36 1.83
C VAL D 112 -0.20 13.05 0.53
N ILE D 113 1.04 13.52 0.41
CA ILE D 113 1.74 13.52 -0.88
C ILE D 113 3.07 12.81 -0.74
N GLY D 114 3.39 12.00 -1.74
CA GLY D 114 4.71 11.43 -1.85
C GLY D 114 5.59 12.29 -2.74
N ALA D 115 6.57 12.96 -2.15
CA ALA D 115 7.41 13.92 -2.86
C ALA D 115 8.89 13.61 -2.62
N PRO D 116 9.39 12.51 -3.20
CA PRO D 116 10.84 12.24 -3.11
C PRO D 116 11.61 13.21 -4.02
N MET D 117 12.70 13.76 -3.49
CA MET D 117 13.48 14.72 -4.25
C MET D 117 14.17 14.02 -5.41
N TYR D 118 13.77 14.36 -6.64
CA TYR D 118 14.36 13.80 -7.85
C TYR D 118 15.06 14.93 -8.59
N ASN D 119 16.39 14.85 -8.67
CA ASN D 119 17.22 15.88 -9.28
C ASN D 119 16.87 17.25 -8.73
N LEU D 120 16.85 17.34 -7.40
CA LEU D 120 16.61 18.56 -6.64
C LEU D 120 15.26 19.19 -6.93
N ASN D 121 14.34 18.45 -7.56
CA ASN D 121 12.95 18.85 -7.70
C ASN D 121 12.03 17.72 -7.24
N VAL D 122 10.74 17.85 -7.49
CA VAL D 122 9.75 16.82 -7.15
C VAL D 122 9.63 15.89 -8.36
N PRO D 123 9.02 14.70 -8.23
CA PRO D 123 8.90 13.83 -9.40
C PRO D 123 7.98 14.43 -10.46
N THR D 124 8.31 14.12 -11.72
CA THR D 124 7.63 14.77 -12.85
C THR D 124 6.12 14.59 -12.78
N ASP D 125 5.66 13.44 -12.32
CA ASP D 125 4.22 13.18 -12.29
C ASP D 125 3.51 13.99 -11.22
N LEU D 126 4.18 14.28 -10.10
CA LEU D 126 3.56 15.13 -9.09
C LEU D 126 3.39 16.55 -9.60
N LYS D 127 4.38 17.06 -10.33
CA LYS D 127 4.24 18.39 -10.92
C LYS D 127 3.07 18.43 -11.90
N LYS D 128 2.88 17.35 -12.67
CA LYS D 128 1.76 17.28 -13.59
C LYS D 128 0.43 17.39 -12.86
N TRP D 129 0.29 16.72 -11.73
CA TRP D 129 -0.94 16.80 -10.95
C TRP D 129 -1.19 18.23 -10.48
N PHE D 130 -0.15 18.93 -10.04
CA PHE D 130 -0.30 20.33 -9.67
C PHE D 130 -0.64 21.18 -10.89
N ASP D 131 0.01 20.90 -12.03
CA ASP D 131 -0.29 21.62 -13.27
C ASP D 131 -1.76 21.50 -13.64
N LEU D 132 -2.35 20.33 -13.40
CA LEU D 132 -3.74 20.07 -13.74
C LEU D 132 -4.72 20.53 -12.68
N VAL D 133 -4.27 20.64 -11.43
CA VAL D 133 -5.16 21.02 -10.34
C VAL D 133 -5.10 22.52 -10.07
N ALA D 134 -3.90 23.11 -10.08
CA ALA D 134 -3.76 24.56 -9.97
C ALA D 134 -4.44 25.22 -11.16
N ARG D 135 -5.59 25.83 -10.93
CA ARG D 135 -6.44 26.33 -11.99
C ARG D 135 -7.17 27.58 -11.53
N ALA D 136 -7.25 28.58 -12.41
CA ALA D 136 -8.02 29.78 -12.12
C ALA D 136 -9.52 29.47 -12.13
N ARG D 137 -10.25 30.15 -11.24
CA ARG D 137 -11.69 30.02 -11.08
C ARG D 137 -12.09 28.66 -10.52
N GLU D 138 -11.13 27.75 -10.36
CA GLU D 138 -11.39 26.44 -9.75
C GLU D 138 -10.75 26.37 -8.38
N THR D 139 -9.42 26.38 -8.29
CA THR D 139 -8.74 26.31 -7.01
C THR D 139 -8.18 27.64 -6.53
N PHE D 140 -7.95 28.60 -7.41
CA PHE D 140 -7.56 29.94 -6.99
C PHE D 140 -8.27 30.98 -7.84
N ARG D 141 -8.74 32.04 -7.18
CA ARG D 141 -9.42 33.15 -7.83
C ARG D 141 -8.44 34.29 -8.04
N TYR D 142 -8.55 34.96 -9.19
CA TYR D 142 -7.63 36.08 -9.49
C TYR D 142 -8.08 37.34 -8.73
N THR D 143 -7.16 37.93 -7.96
CA THR D 143 -7.48 39.17 -7.20
C THR D 143 -6.50 40.29 -7.57
N GLU D 144 -6.64 41.46 -6.94
CA GLU D 144 -5.71 42.59 -7.18
C GLU D 144 -4.30 42.17 -6.74
N SER D 145 -4.20 41.49 -5.60
CA SER D 145 -2.87 41.01 -5.11
C SER D 145 -2.66 39.54 -5.50
N TRP D 146 -1.99 38.76 -4.64
CA TRP D 146 -1.73 37.33 -4.94
C TRP D 146 -3.04 36.55 -5.08
N PRO D 147 -3.24 35.78 -6.17
CA PRO D 147 -4.44 34.95 -6.34
C PRO D 147 -4.91 34.28 -5.05
N GLN D 148 -6.13 34.59 -4.60
CA GLN D 148 -6.62 34.06 -3.35
C GLN D 148 -7.10 32.63 -3.52
N GLY D 149 -6.84 31.80 -2.50
CA GLY D 149 -7.16 30.39 -2.59
C GLY D 149 -8.63 30.11 -2.36
N LEU D 150 -9.11 29.05 -3.02
CA LEU D 150 -10.51 28.63 -2.95
C LEU D 150 -10.73 27.33 -2.21
N VAL D 151 -9.74 26.44 -2.18
CA VAL D 151 -9.87 25.18 -1.43
C VAL D 151 -9.91 25.49 0.06
N GLU D 152 -10.91 24.96 0.76
CA GLU D 152 -11.14 25.28 2.16
C GLU D 152 -11.16 24.02 2.99
N GLY D 153 -10.74 24.15 4.25
CA GLY D 153 -10.70 23.05 5.19
C GLY D 153 -9.86 21.88 4.74
N VAL D 154 -8.62 22.15 4.32
CA VAL D 154 -7.72 21.11 3.81
C VAL D 154 -6.32 21.38 4.34
N ARG D 155 -5.78 20.41 5.09
CA ARG D 155 -4.38 20.45 5.50
C ARG D 155 -3.54 19.65 4.52
N ALA D 156 -2.23 19.64 4.76
CA ALA D 156 -1.31 18.87 3.95
C ALA D 156 -0.24 18.25 4.84
N VAL D 157 0.14 17.04 4.51
CA VAL D 157 1.32 16.38 5.08
C VAL D 157 2.11 15.83 3.90
N VAL D 158 3.38 16.24 3.80
CA VAL D 158 4.23 15.87 2.67
C VAL D 158 5.28 14.89 3.16
N VAL D 159 5.25 13.68 2.60
CA VAL D 159 6.27 12.67 2.88
C VAL D 159 7.35 12.82 1.82
N SER D 160 8.54 13.23 2.24
CA SER D 160 9.65 13.50 1.33
C SER D 160 10.91 12.87 1.87
N SER D 161 11.58 12.06 1.04
CA SER D 161 12.82 11.40 1.41
C SER D 161 13.90 11.77 0.42
N ARG D 162 15.14 11.87 0.91
CA ARG D 162 16.25 12.37 0.12
C ARG D 162 17.47 11.50 0.35
N GLY D 163 18.36 11.45 -0.65
CA GLY D 163 19.60 10.73 -0.52
C GLY D 163 20.66 11.47 0.29
N GLY D 164 20.50 12.79 0.40
CA GLY D 164 21.42 13.61 1.19
C GLY D 164 20.67 14.49 2.16
N ILE D 165 21.37 15.42 2.80
CA ILE D 165 20.72 16.36 3.75
C ILE D 165 20.54 17.71 3.06
N HIS D 166 19.28 18.15 2.89
CA HIS D 166 18.97 19.42 2.21
C HIS D 166 18.02 20.25 3.07
N GLN D 167 17.53 19.71 4.17
CA GLN D 167 16.51 20.45 4.96
C GLN D 167 17.16 21.67 5.61
N GLY D 168 16.47 22.81 5.54
CA GLY D 168 17.00 24.06 6.10
C GLY D 168 17.95 24.76 5.14
N GLU D 169 18.14 24.20 3.95
CA GLU D 169 19.12 24.74 3.00
C GLU D 169 18.50 25.18 1.68
N THR D 170 19.28 25.89 0.88
CA THR D 170 18.87 26.38 -0.42
C THR D 170 18.80 25.27 -1.47
N THR D 171 19.44 24.13 -1.22
CA THR D 171 19.34 23.01 -2.16
C THR D 171 18.03 22.26 -2.04
N ASP D 172 17.20 22.59 -1.04
CA ASP D 172 15.87 22.02 -0.92
C ASP D 172 14.87 23.03 -1.47
N ALA D 173 14.72 23.00 -2.80
CA ALA D 173 13.66 23.77 -3.45
C ALA D 173 12.32 23.04 -3.40
N VAL D 174 12.31 21.75 -3.03
CA VAL D 174 11.08 20.98 -2.97
C VAL D 174 10.17 21.55 -1.87
N THR D 175 10.73 21.81 -0.70
CA THR D 175 9.91 22.27 0.43
C THR D 175 9.24 23.61 0.17
N PRO D 176 9.93 24.67 -0.28
CA PRO D 176 9.22 25.92 -0.54
C PRO D 176 8.29 25.84 -1.74
N TYR D 177 8.61 25.00 -2.73
CA TYR D 177 7.74 24.86 -3.90
C TYR D 177 6.37 24.35 -3.49
N LEU D 178 6.32 23.16 -2.88
CA LEU D 178 5.05 22.61 -2.42
C LEU D 178 4.36 23.56 -1.46
N ARG D 179 5.11 24.18 -0.56
CA ARG D 179 4.54 25.18 0.34
C ARG D 179 3.93 26.34 -0.45
N ALA D 180 4.60 26.77 -1.53
CA ALA D 180 4.10 27.90 -2.30
C ALA D 180 3.00 27.50 -3.26
N VAL D 181 3.04 26.28 -3.79
CA VAL D 181 2.02 25.85 -4.74
C VAL D 181 0.74 25.39 -4.06
N LEU D 182 0.82 24.98 -2.79
CA LEU D 182 -0.39 24.64 -2.05
C LEU D 182 -1.04 25.86 -1.44
N GLY D 183 -0.25 26.84 -0.98
CA GLY D 183 -0.81 28.09 -0.50
C GLY D 183 -1.50 28.88 -1.58
N LEU D 184 -1.15 28.65 -2.85
CA LEU D 184 -1.83 29.33 -3.95
C LEU D 184 -3.29 28.91 -4.06
N MET D 185 -3.60 27.66 -3.71
CA MET D 185 -4.97 27.15 -3.73
C MET D 185 -5.66 27.26 -2.37
N GLY D 186 -5.03 27.91 -1.40
CA GLY D 186 -5.62 28.01 -0.08
C GLY D 186 -5.31 26.85 0.83
N ILE D 187 -4.19 26.17 0.61
CA ILE D 187 -3.72 25.13 1.52
C ILE D 187 -2.52 25.75 2.24
N GLN D 188 -2.83 26.48 3.30
CA GLN D 188 -1.89 27.29 4.04
C GLN D 188 -1.07 26.45 5.01
N GLU D 189 -1.73 25.51 5.66
CA GLU D 189 -1.18 24.67 6.72
C GLU D 189 -0.60 23.42 6.10
N VAL D 190 0.73 23.27 6.13
CA VAL D 190 1.42 22.19 5.41
C VAL D 190 2.58 21.70 6.25
N GLU D 191 2.47 20.48 6.80
CA GLU D 191 3.54 19.84 7.54
C GLU D 191 4.33 18.89 6.64
N PHE D 192 5.57 18.62 7.06
CA PHE D 192 6.48 17.78 6.30
C PHE D 192 6.98 16.61 7.16
N ILE D 193 7.30 15.52 6.48
CA ILE D 193 8.02 14.40 7.07
C ILE D 193 9.26 14.18 6.22
N TYR D 194 10.43 14.42 6.79
CA TYR D 194 11.69 14.27 6.08
C TYR D 194 12.38 12.97 6.49
N ALA D 195 13.08 12.37 5.53
CA ALA D 195 13.90 11.19 5.75
C ALA D 195 15.13 11.35 4.86
N GLU D 196 16.21 11.86 5.44
CA GLU D 196 17.37 12.31 4.68
C GLU D 196 18.59 11.45 4.95
N GLY D 197 19.60 11.62 4.10
CA GLY D 197 20.88 10.97 4.29
C GLY D 197 20.86 9.47 4.08
N LEU D 198 19.94 8.96 3.25
CA LEU D 198 19.83 7.53 3.03
C LEU D 198 21.04 6.93 2.33
N ASP D 199 21.89 7.75 1.72
CA ASP D 199 23.08 7.25 1.03
C ASP D 199 24.35 7.36 1.85
N ASN D 200 24.21 7.72 3.14
CA ASN D 200 25.38 7.68 4.05
C ASN D 200 25.58 6.23 4.46
N ARG D 201 26.69 5.61 4.07
CA ARG D 201 26.94 4.16 4.33
C ARG D 201 26.74 3.77 5.82
N PRO D 202 27.43 4.33 6.84
CA PRO D 202 27.32 3.87 8.24
C PRO D 202 25.92 3.44 8.72
N HIS D 203 25.05 4.41 9.02
CA HIS D 203 23.67 4.12 9.48
C HIS D 203 22.73 5.19 8.93
N GLY D 204 23.11 5.83 7.82
CA GLY D 204 22.32 6.93 7.22
C GLY D 204 20.88 6.54 6.95
N ARG D 205 20.66 5.42 6.26
CA ARG D 205 19.29 5.05 5.91
C ARG D 205 18.49 4.69 7.16
N ASP D 206 19.11 4.02 8.12
CA ASP D 206 18.43 3.74 9.38
C ASP D 206 18.06 5.03 10.09
N ALA D 207 19.02 5.96 10.20
CA ALA D 207 18.76 7.22 10.87
C ALA D 207 17.70 8.03 10.14
N GLY D 208 17.70 7.98 8.80
CA GLY D 208 16.71 8.73 8.05
C GLY D 208 15.30 8.24 8.31
N ILE D 209 15.09 6.92 8.28
CA ILE D 209 13.78 6.37 8.58
C ILE D 209 13.45 6.55 10.06
N ALA D 210 14.46 6.51 10.93
CA ALA D 210 14.22 6.74 12.35
C ALA D 210 13.72 8.15 12.61
N SER D 211 14.32 9.14 11.93
CA SER D 211 13.84 10.52 12.06
C SER D 211 12.40 10.66 11.59
N ALA D 212 12.06 10.00 10.48
CA ALA D 212 10.71 10.10 9.95
C ALA D 212 9.68 9.47 10.87
N ARG D 213 10.02 8.32 11.48
CA ARG D 213 9.07 7.63 12.32
C ARG D 213 8.78 8.39 13.60
N ALA D 214 9.75 9.15 14.12
CA ALA D 214 9.45 10.07 15.20
C ALA D 214 8.54 11.20 14.71
N GLN D 215 8.79 11.69 13.49
CA GLN D 215 7.91 12.67 12.90
C GLN D 215 6.53 12.08 12.65
N ILE D 216 6.49 10.85 12.10
CA ILE D 216 5.22 10.20 11.81
C ILE D 216 4.42 9.94 13.09
N ALA D 217 5.11 9.72 14.21
CA ALA D 217 4.41 9.50 15.47
C ALA D 217 3.75 10.79 15.96
N ARG D 218 4.46 11.92 15.87
CA ARG D 218 3.90 13.18 16.35
C ARG D 218 2.72 13.61 15.50
N LEU D 219 2.79 13.39 14.18
CA LEU D 219 1.85 13.99 13.25
C LEU D 219 0.56 13.19 13.09
N ALA D 220 0.49 11.98 13.61
CA ALA D 220 -0.73 11.18 13.51
C ALA D 220 -1.74 11.49 14.61
N VAL D 221 -1.27 12.04 15.74
CA VAL D 221 -2.19 12.41 16.81
C VAL D 221 -3.22 13.47 16.37
N PRO D 222 -2.81 14.60 15.72
CA PRO D 222 -3.74 15.74 15.51
C PRO D 222 -5.19 15.40 15.15
N ALA D 223 -5.37 14.76 14.00
CA ALA D 223 -6.65 14.55 13.26
C ALA D 223 -6.78 15.61 12.17
#